data_7RFP
#
_entry.id   7RFP
#
loop_
_entity.id
_entity.type
_entity.pdbx_description
1 polymer 'Tumor necrosis factor receptor superfamily member 18,Enhanced green fluorescent protein'
2 polymer 'DTA-1 (heavy chain)'
3 polymer 'DTA-1 (light chain)'
#
loop_
_entity_poly.entity_id
_entity_poly.type
_entity_poly.pdbx_seq_one_letter_code
_entity_poly.pdbx_strand_id
1 'polypeptide(L)'
;MGAWAMLYGVSMLCVLDLGQPSVVEEPGCGPGKVQNGSGNNTRCCSLYAPGKEDCPKERCICVTPEYHCGDPQCKICKHY
PCQPGQRVESQGDIVFGFRCVACAMGTFSAGRDGHCRLWTNCSQFGFLTMFPGNKTHNAVCIPEPLPTEQYGHLTVIFLV
MAACIFFLTTVQLGLHIWQLRRQHMCPRETQPFAEVQLSAEDACSFQFPEEERGEQTEEKCHLGGRWPAGLVPRGSAAAM
VSKGEELFTGVVPILVELDGDVNGHKFSVSGEGEGDATYGKLTLKFICTTGKLPVPWPTLVTTLTYGVQCFSRYPDHMKQ
HDFFKSAMPEGYVQERTIFFKDDGNYKTRAEVKFEGDTLVNRIELKGIDFKEDGNILGHKLEYNYNSHNVYIMADKQKNG
IKVNFKIRHNIEDGSVQLADHYQQNTPIGDGPVLLPDNHYLSTQSKLSKDPNEKRDHMVLLEFVTAAGITLGMDELYKSG
LRHHHHHHHH
;
A,B
2 'polypeptide(L)'
;MGWSCIILFLVATATGVHSELQLVESGGGLVQPGRSLKLSCSASGFIFSNSYMAWVRQAPKKGLEWVATINPSGSRTYYP
DSVKGRFTISRDTAKSSLYLQMNSLKSEDTATYYCARHDLSFDYWGQGVMVTVSSASTKGPSVFPLAPSSKSTSGGTAAL
GCLVKDYFPEPVTVSWNSGALTSGVHTFPAVLQSSGLYSLSSVVTVPSSSLGTQTYICNVNHKPSNTKVDKRVEPKSCDK
THTCPPCPAPELLGGPSVFLFPPKPKDTLMISRTPEVTCVVVDVSHEDPEVKFNWYVDGVEVHNAKTKPREEQYNSTYRV
VSVLTVLHQDWLNGKEYKCKVSNKALPAPIEKTISKAKGQPREPQVYTLPPSREEMTKNQVSLTCLVKGFYPSDIAVEWE
SNGQPENNYKTTPPVLDSDGSFFLYSKLTVDKSRWQQGNVFSCSVMHEALHNHYTQKSLSLSPGK
;
H,I
3 'polypeptide(L)'
;MGWSCIILFLVATATGVHSQFTLTQPKSVSGSLRSTITIPCDRSSGGIRDSYVSWYQQHLGRPPLNVIYADDQRPSEVSD
RFSGSIDSSSNSASLTITNLQMDDEADYFCQSYDSDFDVYIFGGGTKLTVLGQRTVAAPSVFIFPPSDEQLKSGTASVVC
LLNNFYPREAKVQWKVDNALQSGNSQESVTEQDSKDSTYSLSSTLTLSKADYEKHKVYACEVTHQGLSSPVTKSFNRGEC
;
L,M
#
# COMPACT_ATOMS: atom_id res chain seq x y z
N CYS A 29 -5.58 2.21 -28.57
CA CYS A 29 -6.97 2.26 -28.00
C CYS A 29 -7.53 3.66 -28.01
N GLY A 30 -7.10 4.56 -27.10
CA GLY A 30 -7.73 5.86 -27.00
C GLY A 30 -6.77 6.72 -26.24
N PRO A 31 -6.81 8.04 -26.37
CA PRO A 31 -5.79 8.93 -25.82
C PRO A 31 -5.91 9.11 -24.31
N GLY A 32 -7.15 9.31 -23.79
CA GLY A 32 -7.43 9.55 -22.38
C GLY A 32 -7.83 8.31 -21.61
N LYS A 33 -7.43 7.13 -22.11
CA LYS A 33 -7.74 5.86 -21.51
C LYS A 33 -6.56 4.95 -21.68
N VAL A 34 -6.56 3.83 -20.96
CA VAL A 34 -5.37 3.06 -20.70
C VAL A 34 -5.41 1.77 -21.50
N GLN A 35 -4.46 1.56 -22.43
CA GLN A 35 -4.35 0.32 -23.16
C GLN A 35 -3.74 -0.76 -22.27
N ASN A 36 -4.32 -1.98 -22.25
CA ASN A 36 -3.71 -3.09 -21.55
C ASN A 36 -3.96 -4.32 -22.38
N GLY A 37 -2.99 -5.26 -22.37
CA GLY A 37 -3.03 -6.48 -23.17
C GLY A 37 -2.83 -6.27 -24.66
N SER A 38 -2.71 -7.40 -25.38
CA SER A 38 -2.47 -7.42 -26.82
C SER A 38 -3.28 -8.58 -27.38
N GLY A 39 -3.45 -8.59 -28.72
CA GLY A 39 -4.22 -9.56 -29.48
C GLY A 39 -5.68 -9.60 -29.10
N ASN A 40 -6.10 -10.67 -28.44
CA ASN A 40 -7.48 -10.83 -28.01
C ASN A 40 -7.68 -10.35 -26.59
N ASN A 41 -6.60 -10.04 -25.83
CA ASN A 41 -6.66 -9.59 -24.45
C ASN A 41 -6.62 -8.06 -24.44
N THR A 42 -6.72 -7.45 -25.62
CA THR A 42 -6.66 -5.97 -25.69
C THR A 42 -7.67 -5.36 -24.71
N ARG A 43 -7.30 -4.27 -24.04
CA ARG A 43 -8.19 -3.65 -23.04
C ARG A 43 -8.10 -2.13 -23.16
N CYS A 44 -9.25 -1.46 -23.14
CA CYS A 44 -9.29 0.02 -23.26
C CYS A 44 -9.59 0.61 -21.89
N CYS A 45 -8.97 0.03 -20.87
CA CYS A 45 -9.25 0.49 -19.49
C CYS A 45 -9.39 2.00 -19.45
N SER A 46 -10.53 2.50 -19.00
CA SER A 46 -10.66 3.96 -18.79
C SER A 46 -10.08 4.26 -17.42
N LEU A 47 -10.71 5.11 -16.62
CA LEU A 47 -10.27 5.39 -15.22
C LEU A 47 -8.83 5.91 -15.21
N TYR A 48 -8.26 6.23 -16.38
CA TYR A 48 -6.84 6.61 -16.49
C TYR A 48 -6.04 5.97 -15.37
N ALA A 49 -5.36 6.78 -14.55
CA ALA A 49 -4.54 6.28 -13.42
C ALA A 49 -3.86 7.51 -12.79
N PRO A 50 -4.38 8.74 -13.03
CA PRO A 50 -3.71 9.96 -12.55
C PRO A 50 -2.23 9.97 -12.97
N GLY A 51 -1.92 9.45 -14.16
CA GLY A 51 -0.53 9.40 -14.65
C GLY A 51 0.44 8.94 -13.57
N LYS A 52 0.11 7.84 -12.87
CA LYS A 52 0.97 7.36 -11.76
C LYS A 52 1.83 6.20 -12.25
N GLU A 53 1.98 5.16 -11.43
CA GLU A 53 2.84 4.00 -11.81
C GLU A 53 2.01 2.71 -11.80
N ASP A 54 2.39 1.75 -10.96
CA ASP A 54 1.66 0.46 -10.87
C ASP A 54 0.40 0.66 -10.01
N CYS A 55 -0.51 1.56 -10.44
CA CYS A 55 -1.76 1.83 -9.70
C CYS A 55 -2.72 0.67 -9.91
N PRO A 56 -3.90 0.61 -9.24
CA PRO A 56 -4.87 -0.44 -9.55
C PRO A 56 -5.82 0.02 -10.67
N LYS A 57 -5.31 0.14 -11.90
CA LYS A 57 -6.15 0.61 -13.04
C LYS A 57 -7.30 -0.36 -13.26
N GLU A 58 -8.51 0.15 -13.50
CA GLU A 58 -9.70 -0.74 -13.65
C GLU A 58 -10.65 -0.18 -14.72
N ARG A 59 -11.92 -0.60 -14.69
CA ARG A 59 -12.93 -0.13 -15.67
C ARG A 59 -12.44 -0.38 -17.10
N CYS A 60 -12.22 -1.65 -17.47
CA CYS A 60 -11.73 -1.98 -18.82
C CYS A 60 -12.81 -2.69 -19.64
N ILE A 61 -12.83 -2.47 -20.95
CA ILE A 61 -13.83 -3.10 -21.84
C ILE A 61 -13.08 -3.59 -23.06
N CYS A 62 -12.95 -4.89 -23.25
CA CYS A 62 -12.12 -5.45 -24.35
C CYS A 62 -12.54 -4.84 -25.68
N VAL A 63 -11.56 -4.53 -26.53
CA VAL A 63 -11.86 -3.84 -27.83
C VAL A 63 -12.07 -4.92 -28.89
N THR A 64 -11.57 -6.11 -28.63
CA THR A 64 -11.66 -7.18 -29.62
C THR A 64 -13.13 -7.57 -29.81
N PRO A 65 -13.74 -7.64 -30.99
CA PRO A 65 -15.19 -7.83 -31.13
C PRO A 65 -15.60 -9.18 -30.60
N GLU A 66 -16.76 -9.33 -29.94
CA GLU A 66 -17.25 -10.56 -29.31
C GLU A 66 -16.40 -11.14 -28.19
N TYR A 67 -15.43 -10.34 -27.68
CA TYR A 67 -14.62 -10.65 -26.54
C TYR A 67 -15.04 -9.69 -25.44
N HIS A 68 -15.11 -10.23 -24.21
CA HIS A 68 -15.65 -9.51 -23.07
C HIS A 68 -14.78 -9.82 -21.89
N CYS A 69 -14.76 -8.94 -20.87
CA CYS A 69 -14.03 -9.18 -19.65
C CYS A 69 -14.46 -10.48 -18.98
N GLY A 70 -13.51 -11.30 -18.48
CA GLY A 70 -13.85 -12.55 -17.81
C GLY A 70 -13.96 -12.48 -16.33
N ASP A 71 -13.27 -11.50 -15.74
CA ASP A 71 -13.23 -11.26 -14.34
C ASP A 71 -13.73 -9.82 -14.17
N PRO A 72 -14.24 -9.37 -13.01
CA PRO A 72 -14.61 -7.98 -12.73
C PRO A 72 -13.51 -6.98 -12.97
N GLN A 73 -12.25 -7.33 -12.65
CA GLN A 73 -11.08 -6.49 -12.89
C GLN A 73 -10.67 -6.49 -14.35
N CYS A 74 -11.29 -7.38 -15.16
CA CYS A 74 -11.04 -7.57 -16.57
C CYS A 74 -9.60 -7.94 -16.85
N LYS A 75 -9.06 -8.88 -16.04
CA LYS A 75 -7.68 -9.31 -16.15
C LYS A 75 -7.42 -10.01 -17.47
N ILE A 76 -8.40 -10.81 -17.91
CA ILE A 76 -8.39 -11.56 -19.14
C ILE A 76 -9.71 -11.30 -19.86
N CYS A 77 -9.66 -11.26 -21.21
CA CYS A 77 -10.82 -11.20 -22.08
C CYS A 77 -11.19 -12.61 -22.54
N LYS A 78 -12.48 -12.95 -22.48
CA LYS A 78 -13.06 -14.24 -22.83
C LYS A 78 -13.93 -14.05 -24.05
N HIS A 79 -14.40 -15.16 -24.66
CA HIS A 79 -15.14 -15.12 -25.90
C HIS A 79 -16.53 -15.64 -25.63
N TYR A 80 -17.55 -14.82 -25.91
CA TYR A 80 -18.94 -15.19 -25.74
C TYR A 80 -19.74 -14.36 -26.74
N PRO A 81 -19.91 -14.78 -27.99
CA PRO A 81 -20.66 -14.03 -28.99
C PRO A 81 -22.16 -14.08 -28.74
N CYS A 82 -22.86 -12.99 -29.12
CA CYS A 82 -24.29 -12.82 -29.10
C CYS A 82 -24.75 -12.72 -30.54
N GLN A 83 -26.02 -12.31 -30.76
CA GLN A 83 -26.59 -12.04 -32.05
C GLN A 83 -27.05 -10.58 -32.03
N PRO A 84 -27.42 -9.98 -33.16
CA PRO A 84 -28.14 -8.70 -33.22
C PRO A 84 -29.30 -8.53 -32.25
N GLY A 85 -29.44 -7.31 -31.68
CA GLY A 85 -30.45 -6.97 -30.69
C GLY A 85 -30.23 -7.58 -29.34
N GLN A 86 -28.97 -7.97 -29.04
CA GLN A 86 -28.58 -8.53 -27.76
C GLN A 86 -27.29 -7.91 -27.27
N ARG A 87 -27.16 -7.86 -25.93
CA ARG A 87 -25.96 -7.50 -25.20
C ARG A 87 -25.50 -8.70 -24.41
N VAL A 88 -24.34 -8.59 -23.75
CA VAL A 88 -23.76 -9.66 -22.95
C VAL A 88 -23.75 -9.22 -21.51
N GLU A 89 -24.69 -9.76 -20.72
CA GLU A 89 -24.67 -9.63 -19.29
C GLU A 89 -23.72 -10.63 -18.68
N SER A 90 -23.10 -10.21 -17.57
CA SER A 90 -22.01 -10.92 -16.97
C SER A 90 -22.11 -10.95 -15.47
N GLN A 91 -22.91 -11.90 -14.95
CA GLN A 91 -23.04 -12.11 -13.54
C GLN A 91 -21.88 -12.92 -12.95
N GLY A 92 -21.43 -12.56 -11.73
CA GLY A 92 -20.32 -13.21 -11.06
C GLY A 92 -19.47 -12.15 -10.45
N ASP A 93 -18.77 -12.46 -9.34
CA ASP A 93 -18.02 -11.46 -8.60
C ASP A 93 -16.54 -11.80 -8.54
N ILE A 94 -16.13 -12.93 -9.15
CA ILE A 94 -14.73 -13.25 -9.33
C ILE A 94 -14.47 -13.74 -10.73
N VAL A 95 -15.33 -14.62 -11.28
CA VAL A 95 -15.20 -15.16 -12.61
C VAL A 95 -16.60 -15.04 -13.14
N PHE A 96 -16.74 -14.48 -14.35
CA PHE A 96 -18.02 -14.27 -14.98
C PHE A 96 -18.61 -15.47 -15.68
N GLY A 97 -19.94 -15.62 -15.49
CA GLY A 97 -20.79 -16.43 -16.34
C GLY A 97 -21.49 -15.47 -17.23
N PHE A 98 -21.95 -15.93 -18.40
CA PHE A 98 -22.45 -15.02 -19.41
C PHE A 98 -23.86 -15.39 -19.82
N ARG A 99 -24.75 -14.39 -19.85
CA ARG A 99 -26.09 -14.53 -20.35
C ARG A 99 -26.26 -13.56 -21.50
N CYS A 100 -26.72 -14.04 -22.69
CA CYS A 100 -26.90 -13.20 -23.86
C CYS A 100 -28.30 -12.62 -23.80
N VAL A 101 -28.51 -11.59 -22.95
CA VAL A 101 -29.80 -10.91 -22.83
C VAL A 101 -30.06 -9.96 -23.98
N ALA A 102 -31.34 -9.72 -24.33
CA ALA A 102 -31.71 -8.73 -25.32
C ALA A 102 -31.31 -7.28 -25.03
N CYS A 103 -31.24 -6.47 -26.10
CA CYS A 103 -30.98 -5.05 -25.99
C CYS A 103 -32.06 -4.31 -25.22
N ALA A 104 -31.62 -3.48 -24.25
CA ALA A 104 -32.47 -2.56 -23.51
C ALA A 104 -33.24 -1.62 -24.44
N MET A 105 -34.36 -1.05 -23.99
CA MET A 105 -35.00 0.01 -24.74
C MET A 105 -34.12 1.27 -24.86
N GLY A 106 -34.13 1.91 -26.06
CA GLY A 106 -33.34 3.11 -26.35
C GLY A 106 -31.98 2.81 -26.95
N THR A 107 -31.66 1.52 -27.14
CA THR A 107 -30.35 1.06 -27.59
C THR A 107 -30.48 0.11 -28.76
N PHE A 108 -29.35 -0.32 -29.34
CA PHE A 108 -29.34 -1.26 -30.41
C PHE A 108 -28.08 -2.11 -30.33
N SER A 109 -27.99 -3.15 -31.17
CA SER A 109 -26.75 -3.87 -31.41
C SER A 109 -26.97 -4.59 -32.71
N ALA A 110 -26.19 -4.30 -33.78
CA ALA A 110 -26.39 -4.93 -35.08
C ALA A 110 -25.30 -5.96 -35.35
N GLY A 111 -24.58 -6.45 -34.32
CA GLY A 111 -23.49 -7.38 -34.51
C GLY A 111 -23.51 -8.45 -33.47
N ARG A 112 -22.57 -9.41 -33.61
CA ARG A 112 -22.43 -10.49 -32.67
C ARG A 112 -21.66 -10.11 -31.43
N ASP A 113 -21.04 -8.91 -31.38
CA ASP A 113 -20.22 -8.48 -30.27
C ASP A 113 -20.98 -8.40 -28.95
N GLY A 114 -22.26 -8.01 -29.01
CA GLY A 114 -23.13 -7.99 -27.85
C GLY A 114 -22.92 -6.79 -26.98
N HIS A 115 -22.77 -5.60 -27.59
CA HIS A 115 -22.68 -4.35 -26.87
C HIS A 115 -23.80 -3.41 -27.24
N CYS A 116 -24.56 -2.92 -26.23
CA CYS A 116 -25.66 -1.99 -26.45
C CYS A 116 -25.14 -0.59 -26.69
N ARG A 117 -24.95 -0.23 -27.97
CA ARG A 117 -24.60 1.12 -28.32
C ARG A 117 -25.85 1.97 -28.29
N LEU A 118 -25.71 3.26 -27.94
CA LEU A 118 -26.82 4.18 -27.87
C LEU A 118 -27.24 4.64 -29.25
N TRP A 119 -28.54 4.94 -29.45
CA TRP A 119 -29.06 5.50 -30.68
C TRP A 119 -28.48 6.83 -31.11
N THR A 120 -28.30 6.96 -32.43
CA THR A 120 -27.72 8.17 -32.99
C THR A 120 -28.82 9.17 -33.18
N ASN A 121 -28.88 10.19 -32.29
CA ASN A 121 -29.89 11.22 -32.40
C ASN A 121 -29.46 12.19 -33.48
N CYS A 122 -30.02 12.02 -34.70
CA CYS A 122 -29.73 12.82 -35.87
C CYS A 122 -29.99 14.31 -35.62
N SER A 123 -31.04 14.64 -34.82
CA SER A 123 -31.51 16.01 -34.54
C SER A 123 -30.48 16.91 -33.89
N GLN A 124 -29.73 16.35 -32.92
CA GLN A 124 -28.64 17.02 -32.21
C GLN A 124 -27.35 17.05 -33.02
N PHE A 125 -27.27 16.29 -34.13
CA PHE A 125 -26.12 16.23 -34.99
C PHE A 125 -26.26 17.09 -36.24
N GLY A 126 -27.49 17.37 -36.71
CA GLY A 126 -27.69 18.22 -37.87
C GLY A 126 -28.83 17.83 -38.75
N PHE A 127 -29.36 16.60 -38.63
CA PHE A 127 -30.27 16.03 -39.60
C PHE A 127 -31.58 15.64 -38.94
N LEU A 128 -32.59 15.27 -39.73
CA LEU A 128 -33.73 14.56 -39.17
C LEU A 128 -33.49 13.06 -39.31
N THR A 129 -34.42 12.24 -38.80
CA THR A 129 -34.32 10.80 -38.78
C THR A 129 -35.32 10.22 -39.76
N MET A 130 -34.86 9.47 -40.79
CA MET A 130 -35.75 8.86 -41.76
C MET A 130 -36.45 7.61 -41.22
N PHE A 131 -35.68 6.69 -40.59
CA PHE A 131 -36.23 5.52 -39.90
C PHE A 131 -35.81 5.58 -38.44
N PRO A 132 -36.69 5.49 -37.43
CA PRO A 132 -36.34 5.78 -36.03
C PRO A 132 -35.33 4.83 -35.39
N GLY A 133 -35.28 3.56 -35.81
CA GLY A 133 -34.42 2.54 -35.22
C GLY A 133 -35.13 1.74 -34.15
N ASN A 134 -34.55 0.58 -33.82
CA ASN A 134 -35.14 -0.42 -32.95
C ASN A 134 -33.96 -1.16 -32.28
N LYS A 135 -34.19 -2.30 -31.60
CA LYS A 135 -33.13 -3.10 -30.99
C LYS A 135 -32.14 -3.70 -32.00
N THR A 136 -32.62 -4.13 -33.17
CA THR A 136 -31.84 -4.73 -34.25
C THR A 136 -30.96 -3.70 -34.95
N HIS A 137 -31.48 -2.48 -35.14
CA HIS A 137 -30.93 -1.50 -36.05
C HIS A 137 -30.96 -0.09 -35.51
N ASN A 138 -29.90 0.66 -35.82
CA ASN A 138 -29.76 2.04 -35.46
C ASN A 138 -30.52 2.91 -36.44
N ALA A 139 -30.91 4.12 -36.01
CA ALA A 139 -31.49 5.13 -36.86
C ALA A 139 -30.63 5.57 -38.03
N VAL A 140 -31.32 6.02 -39.09
CA VAL A 140 -30.61 6.61 -40.27
C VAL A 140 -31.07 8.06 -40.28
N CYS A 141 -30.62 8.89 -41.22
CA CYS A 141 -30.99 10.33 -41.13
C CYS A 141 -31.29 10.99 -42.47
N ILE A 142 -32.33 11.82 -42.50
CA ILE A 142 -32.62 12.62 -43.72
C ILE A 142 -32.36 14.08 -43.33
N PRO A 143 -31.34 14.77 -43.89
CA PRO A 143 -31.00 16.12 -43.46
C PRO A 143 -32.08 17.17 -43.70
N GLU A 144 -31.40 18.30 -44.16
CA GLU A 144 -32.27 19.45 -44.48
C GLU A 144 -32.28 19.61 -46.00
N PRO A 145 -33.40 19.38 -46.71
CA PRO A 145 -33.42 19.43 -48.17
C PRO A 145 -32.89 20.78 -48.69
N LEU A 146 -31.66 20.78 -49.23
CA LEU A 146 -31.06 22.03 -49.78
C LEU A 146 -31.38 22.10 -51.28
N CYS B 29 -24.46 16.55 -10.21
CA CYS B 29 -23.27 16.17 -11.07
C CYS B 29 -23.61 14.99 -11.96
N GLY B 30 -23.65 13.75 -11.43
CA GLY B 30 -23.81 12.60 -12.28
C GLY B 30 -24.25 11.47 -11.40
N PRO B 31 -24.91 10.44 -11.88
CA PRO B 31 -25.53 9.42 -11.04
C PRO B 31 -24.54 8.44 -10.45
N GLY B 32 -23.56 7.96 -11.25
CA GLY B 32 -22.55 6.97 -10.86
C GLY B 32 -21.24 7.59 -10.43
N LYS B 33 -21.26 8.85 -10.00
CA LYS B 33 -20.10 9.58 -9.57
C LYS B 33 -20.49 10.47 -8.41
N VAL B 34 -19.49 11.00 -7.71
CA VAL B 34 -19.65 11.54 -6.38
C VAL B 34 -19.58 13.05 -6.43
N GLN B 35 -20.67 13.76 -6.05
CA GLN B 35 -20.66 15.20 -5.94
C GLN B 35 -19.93 15.63 -4.68
N ASN B 36 -19.02 16.62 -4.77
CA ASN B 36 -18.39 17.18 -3.59
C ASN B 36 -18.24 18.66 -3.83
N GLY B 37 -18.38 19.47 -2.76
CA GLY B 37 -18.32 20.92 -2.82
C GLY B 37 -19.55 21.57 -3.45
N SER B 38 -19.59 22.91 -3.37
CA SER B 38 -20.68 23.72 -3.90
C SER B 38 -20.07 24.98 -4.47
N GLY B 39 -20.87 25.71 -5.28
CA GLY B 39 -20.49 26.92 -5.99
C GLY B 39 -19.37 26.72 -6.97
N ASN B 40 -18.18 27.25 -6.66
CA ASN B 40 -17.02 27.11 -7.52
C ASN B 40 -16.16 25.92 -7.13
N ASN B 41 -16.43 25.28 -5.96
CA ASN B 41 -15.66 24.14 -5.47
C ASN B 41 -16.37 22.85 -5.89
N THR B 42 -17.39 22.99 -6.76
CA THR B 42 -18.15 21.90 -7.36
C THR B 42 -17.30 21.00 -8.22
N ARG B 43 -17.29 19.76 -7.74
CA ARG B 43 -16.46 18.74 -8.38
C ARG B 43 -17.18 17.42 -8.31
N CYS B 44 -16.67 16.44 -9.04
CA CYS B 44 -17.32 15.12 -9.10
C CYS B 44 -16.19 14.12 -8.94
N CYS B 45 -16.40 13.06 -8.18
CA CYS B 45 -15.26 12.17 -7.96
C CYS B 45 -15.61 10.78 -8.43
N SER B 46 -14.59 10.03 -8.84
CA SER B 46 -14.82 8.64 -9.24
C SER B 46 -14.53 7.80 -8.01
N LEU B 47 -15.02 6.56 -7.99
CA LEU B 47 -14.69 5.67 -6.87
C LEU B 47 -13.18 5.65 -6.76
N TYR B 48 -12.68 5.48 -5.54
CA TYR B 48 -11.22 5.56 -5.38
C TYR B 48 -10.52 4.33 -5.95
N ALA B 49 -11.20 3.51 -6.78
CA ALA B 49 -10.61 2.25 -7.30
C ALA B 49 -9.87 1.61 -6.14
N PRO B 50 -10.58 1.25 -5.06
CA PRO B 50 -9.93 0.74 -3.83
C PRO B 50 -9.22 -0.59 -4.05
N GLY B 51 -9.28 -1.14 -5.28
CA GLY B 51 -8.62 -2.43 -5.61
C GLY B 51 -7.39 -2.68 -4.77
N LYS B 52 -6.31 -1.91 -5.01
CA LYS B 52 -5.04 -2.10 -4.26
C LYS B 52 -4.06 -0.97 -4.62
N GLU B 53 -2.75 -1.22 -4.43
CA GLU B 53 -1.69 -0.24 -4.79
C GLU B 53 -1.80 1.05 -3.97
N ASP B 54 -1.07 2.09 -4.37
CA ASP B 54 -1.09 3.39 -3.64
C ASP B 54 -1.03 4.52 -4.68
N CYS B 55 -1.13 4.18 -5.96
CA CYS B 55 -1.11 5.18 -7.06
C CYS B 55 -1.87 6.42 -6.64
N PRO B 56 -3.22 6.35 -6.44
CA PRO B 56 -4.00 7.54 -6.12
C PRO B 56 -5.39 7.12 -5.61
N LYS B 57 -6.28 8.10 -5.42
CA LYS B 57 -7.66 7.80 -4.93
C LYS B 57 -8.56 9.00 -5.21
N GLU B 58 -9.87 8.76 -5.37
CA GLU B 58 -10.85 9.86 -5.60
C GLU B 58 -10.34 10.83 -6.68
N ARG B 59 -10.17 10.36 -7.91
CA ARG B 59 -9.79 11.27 -9.03
C ARG B 59 -10.99 12.18 -9.31
N CYS B 60 -10.86 13.49 -9.08
CA CYS B 60 -12.04 14.38 -9.25
C CYS B 60 -11.77 15.47 -10.29
N ILE B 61 -12.82 15.88 -11.04
CA ILE B 61 -12.70 17.01 -11.99
C ILE B 61 -13.68 18.07 -11.50
N CYS B 62 -13.44 19.33 -11.80
CA CYS B 62 -14.36 20.32 -11.20
C CYS B 62 -15.38 20.69 -12.26
N VAL B 63 -16.63 20.97 -11.86
CA VAL B 63 -17.73 21.24 -12.84
C VAL B 63 -17.71 22.69 -13.33
N THR B 64 -17.47 23.65 -12.43
CA THR B 64 -17.56 25.07 -12.84
C THR B 64 -16.55 25.33 -13.96
N PRO B 65 -16.91 26.06 -15.03
CA PRO B 65 -16.02 26.28 -16.16
C PRO B 65 -14.71 26.97 -15.76
N GLU B 66 -13.61 26.70 -16.49
CA GLU B 66 -12.35 27.38 -16.21
C GLU B 66 -11.82 27.27 -14.78
N TYR B 67 -12.40 26.35 -13.99
CA TYR B 67 -11.96 26.00 -12.66
C TYR B 67 -11.41 24.58 -12.73
N HIS B 68 -10.30 24.35 -12.03
CA HIS B 68 -9.55 23.12 -12.12
C HIS B 68 -9.12 22.75 -10.74
N CYS B 69 -8.84 21.46 -10.48
CA CYS B 69 -8.33 21.01 -9.19
C CYS B 69 -7.05 21.73 -8.82
N GLY B 70 -6.88 22.16 -7.56
CA GLY B 70 -5.66 22.82 -7.12
C GLY B 70 -4.64 21.95 -6.50
N ASP B 71 -5.09 20.83 -5.95
CA ASP B 71 -4.27 19.86 -5.29
C ASP B 71 -4.52 18.55 -6.04
N PRO B 72 -3.66 17.54 -6.02
CA PRO B 72 -3.89 16.21 -6.60
C PRO B 72 -5.15 15.53 -6.13
N GLN B 73 -5.50 15.66 -4.84
CA GLN B 73 -6.71 15.12 -4.26
C GLN B 73 -7.94 15.94 -4.65
N CYS B 74 -7.73 17.10 -5.29
CA CYS B 74 -8.73 18.04 -5.72
C CYS B 74 -9.58 18.54 -4.58
N LYS B 75 -8.93 18.89 -3.46
CA LYS B 75 -9.60 19.34 -2.26
C LYS B 75 -10.33 20.65 -2.49
N ILE B 76 -9.68 21.54 -3.27
CA ILE B 76 -10.18 22.84 -3.64
C ILE B 76 -10.03 22.99 -5.15
N CYS B 77 -10.97 23.70 -5.79
CA CYS B 77 -10.92 24.10 -7.18
C CYS B 77 -10.37 25.52 -7.28
N LYS B 78 -9.41 25.74 -8.21
CA LYS B 78 -8.74 27.00 -8.46
C LYS B 78 -9.13 27.50 -9.83
N HIS B 79 -8.77 28.74 -10.18
CA HIS B 79 -9.19 29.38 -11.41
C HIS B 79 -7.97 29.64 -12.25
N TYR B 80 -7.93 29.08 -13.47
CA TYR B 80 -6.85 29.26 -14.40
C TYR B 80 -7.43 29.10 -15.81
N PRO B 81 -7.98 30.14 -16.43
CA PRO B 81 -8.56 30.02 -17.75
C PRO B 81 -7.50 29.90 -18.85
N CYS B 82 -7.85 29.19 -19.93
CA CYS B 82 -7.07 29.00 -21.14
C CYS B 82 -7.82 29.69 -22.26
N GLN B 83 -7.42 29.44 -23.52
CA GLN B 83 -8.08 29.90 -24.71
C GLN B 83 -8.48 28.67 -25.52
N PRO B 84 -9.30 28.78 -26.56
CA PRO B 84 -9.50 27.73 -27.56
C PRO B 84 -8.25 27.02 -28.08
N GLY B 85 -8.34 25.69 -28.27
CA GLY B 85 -7.24 24.84 -28.71
C GLY B 85 -6.19 24.61 -27.68
N GLN B 86 -6.53 24.80 -26.39
CA GLN B 86 -5.65 24.58 -25.27
C GLN B 86 -6.34 23.81 -24.16
N ARG B 87 -5.54 23.05 -23.41
CA ARG B 87 -5.91 22.38 -22.18
C ARG B 87 -5.09 22.96 -21.04
N VAL B 88 -5.38 22.53 -19.80
CA VAL B 88 -4.68 23.00 -18.62
C VAL B 88 -3.93 21.85 -18.03
N GLU B 89 -2.60 21.85 -18.23
CA GLU B 89 -1.70 20.95 -17.55
C GLU B 89 -1.39 21.47 -16.17
N SER B 90 -1.19 20.53 -15.25
CA SER B 90 -1.10 20.83 -13.84
C SER B 90 -0.02 20.03 -13.16
N GLN B 91 1.23 20.52 -13.27
CA GLN B 91 2.36 19.91 -12.61
C GLN B 91 2.44 20.30 -11.13
N GLY B 92 2.85 19.34 -10.27
CA GLY B 92 2.95 19.54 -8.84
C GLY B 92 2.37 18.33 -8.16
N ASP B 93 2.86 18.00 -6.95
CA ASP B 93 2.47 16.78 -6.27
C ASP B 93 1.80 17.06 -4.93
N ILE B 94 1.68 18.35 -4.57
CA ILE B 94 0.89 18.75 -3.42
C ILE B 94 0.01 19.93 -3.76
N VAL B 95 0.55 20.95 -4.45
CA VAL B 95 -0.18 22.13 -4.84
C VAL B 95 0.22 22.29 -6.28
N PHE B 96 -0.77 22.48 -7.18
CA PHE B 96 -0.55 22.62 -8.59
C PHE B 96 -0.12 24.00 -9.05
N GLY B 97 0.84 23.99 -9.99
CA GLY B 97 1.13 25.11 -10.86
C GLY B 97 0.50 24.79 -12.17
N PHE B 98 0.19 25.80 -12.98
CA PHE B 98 -0.62 25.59 -14.16
C PHE B 98 0.09 26.08 -15.40
N ARG B 99 0.13 25.23 -16.45
CA ARG B 99 0.64 25.60 -17.74
C ARG B 99 -0.48 25.42 -18.75
N CYS B 100 -0.78 26.46 -19.55
CA CYS B 100 -1.85 26.40 -20.54
C CYS B 100 -1.26 25.84 -21.84
N VAL B 101 -1.04 24.51 -21.90
CA VAL B 101 -0.52 23.85 -23.08
C VAL B 101 -1.59 23.68 -24.16
N ALA B 102 -1.18 23.64 -25.44
CA ALA B 102 -2.09 23.35 -26.54
C ALA B 102 -2.79 21.99 -26.51
N CYS B 103 -3.91 21.89 -27.23
CA CYS B 103 -4.63 20.65 -27.39
C CYS B 103 -3.83 19.58 -28.11
N ALA B 104 -3.81 18.36 -27.53
CA ALA B 104 -3.25 17.17 -28.13
C ALA B 104 -3.85 16.88 -29.50
N MET B 105 -3.15 16.12 -30.37
CA MET B 105 -3.78 15.63 -31.58
C MET B 105 -4.94 14.67 -31.31
N GLY B 106 -6.04 14.79 -32.09
CA GLY B 106 -7.24 13.96 -31.95
C GLY B 106 -8.30 14.57 -31.07
N THR B 107 -8.02 15.77 -30.51
CA THR B 107 -8.88 16.43 -29.52
C THR B 107 -9.15 17.86 -29.92
N PHE B 108 -10.01 18.55 -29.15
CA PHE B 108 -10.30 19.93 -29.40
C PHE B 108 -10.59 20.63 -28.08
N SER B 109 -10.75 21.96 -28.11
CA SER B 109 -11.30 22.71 -27.00
C SER B 109 -11.72 24.04 -27.60
N ALA B 110 -13.02 24.39 -27.59
CA ALA B 110 -13.48 25.62 -28.20
C ALA B 110 -13.84 26.66 -27.14
N GLY B 111 -13.34 26.51 -25.90
CA GLY B 111 -13.67 27.43 -24.81
C GLY B 111 -12.48 27.75 -24.00
N ARG B 112 -12.67 28.65 -23.01
CA ARG B 112 -11.63 29.05 -22.10
C ARG B 112 -11.41 28.06 -20.97
N ASP B 113 -12.28 27.05 -20.81
CA ASP B 113 -12.22 26.10 -19.72
C ASP B 113 -10.92 25.30 -19.72
N GLY B 114 -10.40 24.97 -20.91
CA GLY B 114 -9.12 24.30 -21.04
C GLY B 114 -9.20 22.82 -20.80
N HIS B 115 -10.24 22.16 -21.35
CA HIS B 115 -10.38 20.73 -21.29
C HIS B 115 -10.40 20.12 -22.68
N CYS B 116 -9.51 19.14 -22.93
CA CYS B 116 -9.44 18.45 -24.21
C CYS B 116 -10.55 17.43 -24.33
N ARG B 117 -11.68 17.82 -24.92
CA ARG B 117 -12.74 16.90 -25.23
C ARG B 117 -12.38 16.15 -26.49
N LEU B 118 -12.82 14.88 -26.59
CA LEU B 118 -12.54 14.05 -27.73
C LEU B 118 -13.44 14.42 -28.90
N TRP B 119 -12.95 14.24 -30.15
CA TRP B 119 -13.73 14.42 -31.34
C TRP B 119 -14.97 13.57 -31.51
N THR B 120 -16.02 14.19 -32.04
CA THR B 120 -17.28 13.50 -32.23
C THR B 120 -17.24 12.73 -33.51
N ASN B 121 -17.06 11.39 -33.43
CA ASN B 121 -17.02 10.57 -34.61
C ASN B 121 -18.44 10.36 -35.08
N CYS B 122 -18.85 11.15 -36.10
CA CYS B 122 -20.17 11.13 -36.69
C CYS B 122 -20.54 9.74 -37.23
N SER B 123 -19.55 8.99 -37.79
CA SER B 123 -19.70 7.70 -38.45
C SER B 123 -20.28 6.62 -37.55
N GLN B 124 -19.80 6.56 -36.29
CA GLN B 124 -20.26 5.64 -35.27
C GLN B 124 -21.57 6.08 -34.62
N PHE B 125 -22.01 7.33 -34.87
CA PHE B 125 -23.24 7.88 -34.34
C PHE B 125 -24.40 7.83 -35.34
N GLY B 126 -24.12 7.84 -36.66
CA GLY B 126 -25.18 7.75 -37.66
C GLY B 126 -24.94 8.54 -38.91
N PHE B 127 -23.98 9.48 -38.90
CA PHE B 127 -23.85 10.47 -39.95
C PHE B 127 -22.47 10.41 -40.58
N LEU B 128 -22.24 11.13 -41.68
CA LEU B 128 -20.88 11.40 -42.11
C LEU B 128 -20.42 12.73 -41.53
N THR B 129 -19.18 13.11 -41.79
CA THR B 129 -18.55 14.31 -41.26
C THR B 129 -18.37 15.31 -42.39
N MET B 130 -18.99 16.51 -42.29
CA MET B 130 -18.84 17.53 -43.32
C MET B 130 -17.51 18.27 -43.23
N PHE B 131 -17.11 18.71 -42.02
CA PHE B 131 -15.80 19.29 -41.77
C PHE B 131 -15.08 18.47 -40.71
N PRO B 132 -13.85 17.96 -40.90
CA PRO B 132 -13.24 16.96 -40.01
C PRO B 132 -12.96 17.42 -38.59
N GLY B 133 -12.69 18.72 -38.37
CA GLY B 133 -12.32 19.26 -37.07
C GLY B 133 -10.83 19.34 -36.87
N ASN B 134 -10.41 20.14 -35.89
CA ASN B 134 -9.03 20.49 -35.63
C ASN B 134 -8.93 20.77 -34.11
N LYS B 135 -7.81 21.35 -33.62
CA LYS B 135 -7.65 21.71 -32.21
C LYS B 135 -8.64 22.77 -31.72
N THR B 136 -8.95 23.76 -32.57
CA THR B 136 -9.86 24.87 -32.28
C THR B 136 -11.31 24.42 -32.22
N HIS B 137 -11.70 23.50 -33.12
CA HIS B 137 -13.08 23.19 -33.42
C HIS B 137 -13.33 21.71 -33.61
N ASN B 138 -14.54 21.32 -33.16
CA ASN B 138 -14.99 19.91 -33.31
C ASN B 138 -15.64 19.75 -34.69
N ALA B 139 -15.86 18.51 -35.11
CA ALA B 139 -16.39 18.24 -36.47
C ALA B 139 -17.90 18.44 -36.61
N VAL B 140 -18.36 18.99 -37.74
CA VAL B 140 -19.82 19.08 -38.03
C VAL B 140 -20.12 17.84 -38.88
N CYS B 141 -21.38 17.56 -39.21
CA CYS B 141 -21.65 16.28 -39.92
C CYS B 141 -22.47 16.41 -41.21
N ILE B 142 -22.34 15.42 -42.12
CA ILE B 142 -23.11 15.38 -43.40
C ILE B 142 -23.76 13.98 -43.45
N PRO B 143 -24.85 13.71 -44.18
CA PRO B 143 -25.51 12.39 -44.11
C PRO B 143 -25.36 11.37 -45.24
N GLU B 144 -26.59 10.73 -45.29
CA GLU B 144 -26.72 9.76 -46.41
C GLU B 144 -27.78 10.35 -47.33
N PRO B 145 -27.46 10.75 -48.57
CA PRO B 145 -28.45 11.43 -49.43
C PRO B 145 -29.34 10.48 -50.23
N LEU B 146 -30.29 9.81 -49.57
CA LEU B 146 -31.22 8.89 -50.28
C LEU B 146 -32.66 9.20 -49.81
N LEU C 21 2.82 -18.65 -0.77
CA LEU C 21 1.47 -18.58 -0.15
C LEU C 21 1.34 -19.78 0.74
N GLN C 22 0.77 -19.65 1.95
CA GLN C 22 0.54 -20.78 2.82
C GLN C 22 -0.85 -20.56 3.39
N LEU C 23 -1.70 -21.59 3.41
CA LEU C 23 -3.01 -21.58 4.02
C LEU C 23 -3.04 -22.76 4.96
N VAL C 24 -3.41 -22.55 6.23
CA VAL C 24 -3.46 -23.61 7.21
C VAL C 24 -4.85 -23.67 7.81
N GLU C 25 -5.61 -24.75 7.55
CA GLU C 25 -6.87 -25.01 8.20
C GLU C 25 -6.72 -25.60 9.60
N SER C 26 -7.69 -25.30 10.47
CA SER C 26 -7.72 -25.85 11.79
C SER C 26 -9.15 -25.83 12.32
N GLY C 27 -9.39 -26.51 13.47
CA GLY C 27 -10.69 -26.50 14.14
C GLY C 27 -11.58 -27.66 13.79
N GLY C 28 -11.14 -28.56 12.90
CA GLY C 28 -11.84 -29.82 12.63
C GLY C 28 -11.63 -30.84 13.70
N GLY C 29 -12.46 -31.88 13.70
CA GLY C 29 -12.36 -32.93 14.68
C GLY C 29 -13.62 -33.73 14.67
N LEU C 30 -13.77 -34.54 15.73
CA LEU C 30 -14.92 -35.37 15.94
C LEU C 30 -15.98 -34.61 16.72
N VAL C 31 -17.22 -34.66 16.23
CA VAL C 31 -18.30 -33.92 16.79
C VAL C 31 -19.56 -34.77 16.71
N GLN C 32 -20.45 -34.70 17.74
CA GLN C 32 -21.74 -35.38 17.73
C GLN C 32 -22.66 -34.88 16.59
N PRO C 33 -23.57 -35.66 16.03
CA PRO C 33 -24.71 -35.18 15.24
C PRO C 33 -25.51 -34.05 15.91
N GLY C 34 -25.85 -32.98 15.16
CA GLY C 34 -26.60 -31.83 15.66
C GLY C 34 -25.78 -30.77 16.33
N ARG C 35 -24.46 -30.97 16.45
CA ARG C 35 -23.57 -30.02 17.09
C ARG C 35 -23.00 -29.04 16.08
N SER C 36 -22.03 -28.25 16.57
CA SER C 36 -21.45 -27.15 15.86
C SER C 36 -19.96 -27.20 15.99
N LEU C 37 -19.27 -26.62 15.00
CA LEU C 37 -17.84 -26.39 14.99
C LEU C 37 -17.58 -25.04 14.35
N LYS C 38 -16.36 -24.51 14.53
CA LYS C 38 -15.87 -23.37 13.78
C LYS C 38 -14.51 -23.72 13.24
N LEU C 39 -14.36 -23.73 11.90
CA LEU C 39 -13.08 -23.90 11.24
C LEU C 39 -12.43 -22.56 11.06
N SER C 40 -11.10 -22.56 11.08
CA SER C 40 -10.28 -21.39 10.86
C SER C 40 -9.30 -21.73 9.76
N CYS C 41 -8.93 -20.76 8.93
CA CYS C 41 -7.90 -20.88 7.92
C CYS C 41 -7.02 -19.66 8.05
N SER C 42 -5.74 -19.84 8.42
CA SER C 42 -4.79 -18.75 8.57
C SER C 42 -3.98 -18.65 7.29
N ALA C 43 -3.69 -17.38 6.98
CA ALA C 43 -3.12 -17.17 5.65
C ALA C 43 -1.95 -16.21 5.56
N SER C 44 -2.23 -14.91 5.46
CA SER C 44 -1.15 -13.97 5.09
C SER C 44 -0.74 -14.51 3.71
N GLY C 45 0.54 -14.80 3.47
CA GLY C 45 0.94 -15.46 2.21
C GLY C 45 0.68 -14.66 0.93
N PHE C 46 -0.35 -13.80 0.89
CA PHE C 46 -0.70 -13.08 -0.34
C PHE C 46 -1.33 -11.72 -0.02
N ILE C 47 -2.59 -11.55 -0.41
CA ILE C 47 -3.34 -10.30 -0.12
C ILE C 47 -4.69 -10.76 0.38
N PHE C 48 -4.75 -11.29 1.61
CA PHE C 48 -6.01 -11.89 2.11
C PHE C 48 -7.20 -10.99 1.80
N SER C 49 -7.41 -9.95 2.61
CA SER C 49 -8.57 -9.05 2.41
C SER C 49 -8.60 -8.51 0.98
N ASN C 50 -7.49 -8.63 0.25
CA ASN C 50 -7.46 -8.18 -1.16
C ASN C 50 -7.66 -9.38 -2.08
N SER C 51 -8.60 -10.27 -1.74
CA SER C 51 -8.90 -11.42 -2.62
C SER C 51 -10.13 -12.14 -2.11
N TYR C 52 -10.74 -12.95 -2.96
CA TYR C 52 -11.85 -13.75 -2.42
C TYR C 52 -11.21 -14.95 -1.72
N MET C 53 -12.00 -15.78 -1.05
CA MET C 53 -11.55 -16.95 -0.32
C MET C 53 -12.69 -17.94 -0.23
N ALA C 54 -12.40 -19.22 -0.50
CA ALA C 54 -13.37 -20.27 -0.61
C ALA C 54 -13.16 -21.37 0.42
N TRP C 55 -14.23 -22.11 0.73
CA TRP C 55 -14.21 -23.38 1.42
C TRP C 55 -14.73 -24.41 0.45
N VAL C 56 -14.11 -25.60 0.43
CA VAL C 56 -14.47 -26.73 -0.41
C VAL C 56 -14.28 -27.95 0.47
N ARG C 57 -15.11 -29.00 0.34
CA ARG C 57 -14.96 -30.21 1.10
C ARG C 57 -14.88 -31.42 0.21
N GLN C 58 -14.46 -32.53 0.81
CA GLN C 58 -14.33 -33.79 0.11
C GLN C 58 -14.46 -34.90 1.12
N ALA C 59 -15.43 -35.83 0.97
CA ALA C 59 -15.41 -37.08 1.70
C ALA C 59 -14.15 -37.86 1.28
N PRO C 60 -13.33 -38.48 2.13
CA PRO C 60 -12.21 -39.33 1.72
C PRO C 60 -12.63 -40.37 0.68
N LYS C 61 -11.88 -40.50 -0.43
CA LYS C 61 -12.16 -41.42 -1.54
C LYS C 61 -13.21 -40.90 -2.53
N LYS C 62 -13.77 -39.69 -2.32
CA LYS C 62 -14.82 -39.15 -3.17
C LYS C 62 -14.44 -37.81 -3.76
N GLY C 63 -15.41 -37.14 -4.41
CA GLY C 63 -15.16 -35.93 -5.19
C GLY C 63 -15.14 -34.67 -4.36
N LEU C 64 -14.73 -33.57 -5.00
CA LEU C 64 -14.73 -32.23 -4.43
C LEU C 64 -16.11 -31.62 -4.49
N GLU C 65 -16.58 -31.04 -3.37
CA GLU C 65 -17.85 -30.34 -3.30
C GLU C 65 -17.57 -28.94 -2.82
N TRP C 66 -17.86 -27.91 -3.64
CA TRP C 66 -17.71 -26.52 -3.26
C TRP C 66 -18.62 -26.12 -2.07
N VAL C 67 -18.10 -25.36 -1.07
CA VAL C 67 -18.81 -25.12 0.22
C VAL C 67 -19.03 -23.68 0.55
N ALA C 68 -18.11 -22.76 0.21
CA ALA C 68 -18.31 -21.35 0.69
C ALA C 68 -17.54 -20.23 -0.04
N THR C 69 -18.01 -18.98 0.15
CA THR C 69 -17.42 -17.80 -0.52
C THR C 69 -17.59 -16.59 0.40
N ILE C 70 -16.52 -15.84 0.67
CA ILE C 70 -16.69 -14.60 1.49
C ILE C 70 -16.19 -13.40 0.67
N ASN C 71 -16.97 -12.31 0.63
CA ASN C 71 -16.57 -11.12 -0.18
C ASN C 71 -15.27 -10.58 0.41
N PRO C 72 -14.33 -10.02 -0.40
CA PRO C 72 -13.02 -9.62 0.14
C PRO C 72 -13.21 -8.62 1.29
N SER C 73 -14.16 -7.70 1.16
CA SER C 73 -14.47 -6.78 2.29
C SER C 73 -15.01 -7.59 3.47
N GLY C 74 -15.78 -8.64 3.19
CA GLY C 74 -16.44 -9.43 4.26
C GLY C 74 -17.87 -8.97 4.42
N SER C 75 -18.29 -8.00 3.61
CA SER C 75 -19.68 -7.47 3.65
C SER C 75 -20.69 -8.56 3.25
N ARG C 76 -20.39 -9.37 2.23
CA ARG C 76 -21.40 -10.33 1.73
C ARG C 76 -20.85 -11.76 1.72
N THR C 77 -21.76 -12.75 1.75
CA THR C 77 -21.35 -14.17 1.77
C THR C 77 -22.10 -14.92 0.65
N TYR C 78 -21.52 -16.01 0.15
CA TYR C 78 -22.21 -16.84 -0.88
C TYR C 78 -22.03 -18.31 -0.54
N TYR C 79 -23.09 -19.11 -0.66
CA TYR C 79 -23.02 -20.53 -0.25
C TYR C 79 -23.67 -21.41 -1.31
N PRO C 80 -23.53 -22.76 -1.26
CA PRO C 80 -24.22 -23.63 -2.20
C PRO C 80 -25.65 -23.92 -1.71
N ASP C 81 -25.93 -25.17 -1.31
CA ASP C 81 -27.32 -25.54 -0.92
C ASP C 81 -27.36 -26.44 0.31
N SER C 82 -26.94 -27.71 0.23
CA SER C 82 -27.06 -28.60 1.38
C SER C 82 -26.62 -28.00 2.73
N VAL C 83 -25.88 -26.87 2.73
CA VAL C 83 -25.43 -26.26 3.98
C VAL C 83 -25.97 -24.85 4.16
N LYS C 84 -26.71 -24.29 3.18
CA LYS C 84 -27.31 -22.97 3.31
C LYS C 84 -28.28 -22.91 4.50
N GLY C 85 -28.10 -21.93 5.41
CA GLY C 85 -28.90 -21.83 6.63
C GLY C 85 -28.27 -22.49 7.82
N ARG C 86 -27.25 -23.32 7.55
CA ARG C 86 -26.61 -24.11 8.63
C ARG C 86 -25.16 -23.67 8.79
N PHE C 87 -24.49 -23.30 7.68
CA PHE C 87 -23.05 -22.97 7.79
C PHE C 87 -22.89 -21.45 7.72
N THR C 88 -21.65 -20.96 7.77
CA THR C 88 -21.40 -19.50 7.75
C THR C 88 -19.95 -19.25 7.35
N ILE C 89 -19.68 -18.23 6.53
CA ILE C 89 -18.26 -17.90 6.20
C ILE C 89 -18.03 -16.40 6.45
N SER C 90 -16.91 -16.04 7.08
CA SER C 90 -16.58 -14.61 7.31
C SER C 90 -15.07 -14.45 7.42
N ARG C 91 -14.57 -13.22 7.40
CA ARG C 91 -13.10 -13.01 7.42
C ARG C 91 -12.72 -12.00 8.50
N ASP C 92 -11.49 -12.08 9.01
CA ASP C 92 -10.99 -11.08 10.00
C ASP C 92 -9.53 -10.80 9.66
N THR C 93 -9.24 -9.62 9.09
CA THR C 93 -7.85 -9.31 8.64
C THR C 93 -6.86 -9.52 9.78
N ALA C 94 -7.30 -9.34 11.03
CA ALA C 94 -6.42 -9.50 12.21
C ALA C 94 -5.33 -10.55 11.95
N LYS C 95 -5.73 -11.78 11.63
CA LYS C 95 -4.74 -12.87 11.42
C LYS C 95 -5.07 -13.60 10.13
N SER C 96 -5.72 -12.92 9.18
CA SER C 96 -6.05 -13.53 7.87
C SER C 96 -6.78 -14.86 8.11
N SER C 97 -7.84 -14.86 8.92
CA SER C 97 -8.55 -16.12 9.26
C SER C 97 -9.93 -16.14 8.63
N LEU C 98 -10.38 -17.34 8.25
CA LEU C 98 -11.76 -17.47 7.70
C LEU C 98 -12.65 -17.92 8.85
N TYR C 99 -13.97 -17.96 8.63
CA TYR C 99 -14.88 -18.29 9.75
C TYR C 99 -16.00 -19.24 9.29
N LEU C 100 -15.73 -20.54 9.28
CA LEU C 100 -16.76 -21.55 8.92
C LEU C 100 -17.54 -21.95 10.18
N GLN C 101 -18.54 -21.14 10.58
CA GLN C 101 -19.39 -21.51 11.74
C GLN C 101 -20.39 -22.57 11.29
N MET C 102 -20.02 -23.83 11.43
CA MET C 102 -20.85 -24.91 10.93
C MET C 102 -21.78 -25.33 12.05
N ASN C 103 -23.11 -25.27 11.85
CA ASN C 103 -24.10 -25.61 12.86
C ASN C 103 -24.97 -26.77 12.40
N SER C 104 -25.59 -27.48 13.35
CA SER C 104 -26.56 -28.55 13.12
C SER C 104 -26.03 -29.64 12.22
N LEU C 105 -24.80 -30.08 12.51
CA LEU C 105 -24.05 -30.98 11.68
C LEU C 105 -24.66 -32.36 11.54
N LYS C 106 -24.54 -32.96 10.35
CA LYS C 106 -25.09 -34.27 10.10
C LYS C 106 -23.98 -35.15 9.56
N SER C 107 -24.23 -36.47 9.48
CA SER C 107 -23.27 -37.47 9.02
C SER C 107 -22.72 -37.20 7.61
N GLU C 108 -23.53 -36.59 6.73
CA GLU C 108 -23.20 -36.18 5.38
C GLU C 108 -22.25 -34.98 5.32
N ASP C 109 -22.08 -34.23 6.44
CA ASP C 109 -21.13 -33.15 6.51
C ASP C 109 -19.75 -33.68 6.91
N THR C 110 -19.58 -34.98 7.25
CA THR C 110 -18.27 -35.61 7.44
C THR C 110 -17.41 -35.57 6.19
N ALA C 111 -16.23 -34.94 6.27
CA ALA C 111 -15.39 -34.67 5.13
C ALA C 111 -14.12 -33.96 5.56
N THR C 112 -13.10 -33.96 4.66
CA THR C 112 -11.96 -33.05 4.71
C THR C 112 -12.40 -31.70 4.20
N TYR C 113 -12.19 -30.61 4.96
CA TYR C 113 -12.59 -29.28 4.56
C TYR C 113 -11.32 -28.50 4.28
N TYR C 114 -11.24 -27.90 3.07
CA TYR C 114 -10.14 -27.16 2.54
C TYR C 114 -10.53 -25.72 2.42
N CYS C 115 -9.62 -24.79 2.74
CA CYS C 115 -9.75 -23.40 2.34
C CYS C 115 -8.90 -23.18 1.10
N ALA C 116 -9.23 -22.08 0.43
CA ALA C 116 -8.47 -21.64 -0.76
C ALA C 116 -9.01 -20.27 -1.17
N ARG C 117 -8.62 -19.76 -2.34
CA ARG C 117 -9.05 -18.39 -2.76
C ARG C 117 -9.67 -18.38 -4.17
N HIS C 118 -10.96 -18.05 -4.31
CA HIS C 118 -11.63 -17.98 -5.64
C HIS C 118 -10.89 -17.03 -6.58
N ASP C 119 -10.15 -16.05 -6.04
CA ASP C 119 -9.33 -15.11 -6.85
C ASP C 119 -8.98 -15.70 -8.22
N LEU C 120 -9.58 -15.21 -9.32
CA LEU C 120 -9.31 -15.67 -10.71
C LEU C 120 -9.79 -17.11 -10.85
N SER C 121 -9.47 -17.98 -9.89
CA SER C 121 -9.94 -19.39 -9.84
C SER C 121 -9.11 -20.18 -8.84
N PHE C 122 -9.64 -20.40 -7.63
CA PHE C 122 -8.95 -21.17 -6.57
C PHE C 122 -7.44 -21.17 -6.78
N ASP C 123 -6.79 -20.07 -6.41
CA ASP C 123 -5.33 -19.94 -6.63
C ASP C 123 -4.59 -20.96 -5.77
N TYR C 124 -4.58 -20.79 -4.45
CA TYR C 124 -3.80 -21.70 -3.59
C TYR C 124 -4.73 -22.43 -2.62
N TRP C 125 -4.31 -23.57 -2.08
CA TRP C 125 -5.19 -24.38 -1.20
C TRP C 125 -4.42 -24.82 0.05
N GLY C 126 -5.13 -25.15 1.15
CA GLY C 126 -4.49 -25.71 2.34
C GLY C 126 -4.41 -27.22 2.31
N GLN C 127 -3.93 -27.83 3.41
CA GLN C 127 -3.84 -29.28 3.51
C GLN C 127 -5.17 -29.89 3.92
N GLY C 128 -6.09 -29.08 4.44
CA GLY C 128 -7.41 -29.52 4.83
C GLY C 128 -7.48 -29.98 6.24
N VAL C 129 -8.67 -29.82 6.85
CA VAL C 129 -8.92 -30.28 8.19
C VAL C 129 -10.09 -31.25 8.15
N MET C 130 -9.97 -32.40 8.82
CA MET C 130 -11.01 -33.41 8.80
C MET C 130 -12.09 -33.12 9.84
N VAL C 131 -13.35 -33.10 9.42
CA VAL C 131 -14.51 -33.02 10.28
C VAL C 131 -15.19 -34.36 10.23
N THR C 132 -15.45 -34.96 11.40
CA THR C 132 -16.13 -36.24 11.52
C THR C 132 -17.35 -36.06 12.38
N VAL C 133 -18.55 -36.26 11.80
CA VAL C 133 -19.80 -36.13 12.52
C VAL C 133 -20.31 -37.52 12.87
N SER C 134 -20.17 -37.96 14.11
CA SER C 134 -20.52 -39.40 14.29
C SER C 134 -21.31 -39.74 15.54
N SER C 135 -22.33 -40.59 15.37
CA SER C 135 -23.07 -41.10 16.56
C SER C 135 -22.19 -42.22 17.12
N ALA C 136 -21.27 -42.71 16.28
CA ALA C 136 -20.34 -43.76 16.74
C ALA C 136 -19.48 -43.24 17.88
N SER C 137 -19.03 -44.14 18.75
CA SER C 137 -18.24 -43.71 19.93
C SER C 137 -16.87 -44.40 19.90
N THR C 138 -15.94 -43.91 20.70
CA THR C 138 -14.62 -44.56 20.79
C THR C 138 -14.84 -46.05 21.09
N LYS C 139 -14.57 -46.91 20.11
CA LYS C 139 -14.73 -48.33 20.30
C LYS C 139 -13.45 -48.99 19.84
N GLY C 140 -12.94 -49.93 20.65
CA GLY C 140 -11.81 -50.77 20.25
C GLY C 140 -12.17 -51.90 19.33
N PRO C 141 -11.23 -52.36 18.51
CA PRO C 141 -11.48 -53.44 17.56
C PRO C 141 -11.36 -54.80 18.22
N SER C 142 -11.94 -55.80 17.55
CA SER C 142 -11.62 -57.19 17.79
C SER C 142 -10.63 -57.61 16.72
N VAL C 143 -9.67 -58.51 17.05
CA VAL C 143 -8.64 -58.96 16.13
C VAL C 143 -8.84 -60.45 15.86
N PHE C 144 -9.11 -60.82 14.60
CA PHE C 144 -9.42 -62.17 14.19
C PHE C 144 -8.31 -62.70 13.28
N PRO C 145 -7.93 -63.98 13.34
CA PRO C 145 -6.93 -64.52 12.43
C PRO C 145 -7.47 -64.72 11.02
N LEU C 146 -6.67 -64.40 10.00
CA LEU C 146 -6.89 -64.89 8.65
C LEU C 146 -5.88 -66.02 8.52
N ALA C 147 -6.34 -67.27 8.71
CA ALA C 147 -5.43 -68.37 8.90
C ALA C 147 -4.90 -68.91 7.58
N PRO C 148 -3.61 -69.24 7.45
CA PRO C 148 -3.07 -69.86 6.24
C PRO C 148 -3.66 -71.23 6.05
N SER C 149 -3.92 -71.59 4.78
CA SER C 149 -4.47 -72.89 4.42
C SER C 149 -3.60 -74.02 4.96
N SER C 150 -4.20 -74.93 5.76
CA SER C 150 -3.58 -76.11 6.36
C SER C 150 -3.09 -77.10 5.32
N LYS C 151 -3.78 -77.14 4.16
CA LYS C 151 -3.60 -78.08 3.09
C LYS C 151 -2.62 -77.58 2.05
N SER C 152 -2.05 -76.37 2.23
CA SER C 152 -0.95 -75.83 1.43
C SER C 152 0.14 -76.78 1.05
N THR C 153 0.44 -76.85 -0.25
CA THR C 153 1.45 -77.73 -0.79
C THR C 153 2.80 -77.15 -0.48
N SER C 154 3.67 -77.89 0.22
CA SER C 154 5.03 -77.45 0.56
C SER C 154 5.88 -77.17 -0.67
N GLY C 155 6.42 -75.93 -0.76
CA GLY C 155 7.32 -75.48 -1.80
C GLY C 155 6.78 -74.28 -2.51
N GLY C 156 5.52 -73.90 -2.20
CA GLY C 156 4.88 -72.71 -2.71
C GLY C 156 4.82 -71.61 -1.68
N THR C 157 3.85 -70.72 -1.86
CA THR C 157 3.64 -69.52 -1.06
C THR C 157 2.31 -69.66 -0.38
N ALA C 158 2.25 -69.30 0.92
CA ALA C 158 1.05 -69.27 1.70
C ALA C 158 0.79 -67.82 2.11
N ALA C 159 -0.47 -67.46 2.38
CA ALA C 159 -0.84 -66.14 2.84
C ALA C 159 -1.55 -66.29 4.17
N LEU C 160 -1.35 -65.33 5.08
CA LEU C 160 -1.98 -65.31 6.37
C LEU C 160 -2.17 -63.88 6.75
N GLY C 161 -2.93 -63.60 7.83
CA GLY C 161 -3.15 -62.21 8.18
C GLY C 161 -3.93 -62.05 9.44
N CYS C 162 -4.30 -60.79 9.71
CA CYS C 162 -5.14 -60.40 10.81
C CYS C 162 -6.21 -59.48 10.30
N LEU C 163 -7.45 -59.72 10.73
CA LEU C 163 -8.59 -58.87 10.48
C LEU C 163 -8.84 -58.06 11.74
N VAL C 164 -8.71 -56.73 11.66
CA VAL C 164 -8.90 -55.80 12.75
C VAL C 164 -10.24 -55.14 12.51
N LYS C 165 -11.27 -55.55 13.26
CA LYS C 165 -12.65 -55.25 12.90
C LYS C 165 -13.37 -54.46 13.98
N ASP C 166 -14.14 -53.45 13.55
CA ASP C 166 -15.17 -52.76 14.31
C ASP C 166 -14.58 -51.75 15.28
N TYR C 167 -13.84 -50.74 14.78
CA TYR C 167 -13.26 -49.72 15.63
C TYR C 167 -13.63 -48.33 15.21
N PHE C 168 -13.54 -47.40 16.17
CA PHE C 168 -13.74 -46.00 15.89
C PHE C 168 -12.98 -45.21 16.97
N PRO C 169 -12.48 -44.00 16.72
CA PRO C 169 -12.16 -43.44 15.40
C PRO C 169 -10.96 -44.14 14.79
N GLU C 170 -10.48 -43.71 13.61
CA GLU C 170 -9.15 -44.00 13.14
C GLU C 170 -8.06 -43.37 14.01
N PRO C 171 -6.83 -43.88 14.11
CA PRO C 171 -6.28 -44.91 13.24
C PRO C 171 -5.92 -46.10 14.08
N VAL C 172 -5.61 -47.22 13.41
CA VAL C 172 -5.05 -48.38 14.02
C VAL C 172 -3.72 -48.61 13.35
N THR C 173 -2.73 -49.15 14.09
CA THR C 173 -1.43 -49.51 13.55
C THR C 173 -1.29 -51.01 13.63
N VAL C 174 -0.62 -51.62 12.63
CA VAL C 174 -0.39 -53.04 12.57
C VAL C 174 1.07 -53.25 12.19
N SER C 175 1.81 -54.06 12.96
CA SER C 175 3.13 -54.53 12.60
C SER C 175 3.12 -56.05 12.70
N TRP C 176 4.15 -56.74 12.16
CA TRP C 176 4.25 -58.18 12.22
C TRP C 176 5.57 -58.54 12.85
N ASN C 177 5.53 -59.40 13.88
CA ASN C 177 6.67 -59.86 14.66
C ASN C 177 7.49 -58.71 15.22
N SER C 178 6.80 -57.67 15.75
CA SER C 178 7.38 -56.46 16.32
C SER C 178 8.17 -55.62 15.32
N GLY C 179 7.82 -55.69 14.02
CA GLY C 179 8.50 -54.98 12.95
C GLY C 179 9.64 -55.75 12.34
N ALA C 180 9.95 -56.98 12.80
CA ALA C 180 10.99 -57.80 12.21
C ALA C 180 10.57 -58.45 10.88
N LEU C 181 9.26 -58.54 10.63
CA LEU C 181 8.73 -59.06 9.38
C LEU C 181 8.06 -57.93 8.63
N THR C 182 8.62 -57.54 7.47
CA THR C 182 8.12 -56.44 6.65
C THR C 182 7.99 -56.80 5.20
N SER C 183 8.78 -57.76 4.68
CA SER C 183 8.66 -58.17 3.28
C SER C 183 7.43 -59.03 3.05
N GLY C 184 6.65 -58.75 1.98
CA GLY C 184 5.42 -59.47 1.66
C GLY C 184 4.23 -59.02 2.47
N VAL C 185 4.40 -58.03 3.38
CA VAL C 185 3.32 -57.47 4.19
C VAL C 185 2.53 -56.47 3.39
N HIS C 186 1.20 -56.64 3.36
CA HIS C 186 0.28 -55.63 2.85
C HIS C 186 -0.73 -55.32 3.92
N THR C 187 -0.70 -54.09 4.45
CA THR C 187 -1.69 -53.61 5.41
C THR C 187 -2.62 -52.71 4.64
N PHE C 188 -3.88 -53.11 4.47
CA PHE C 188 -4.82 -52.45 3.59
C PHE C 188 -5.33 -51.14 4.21
N PRO C 189 -5.66 -50.10 3.43
CA PRO C 189 -6.51 -49.00 3.91
C PRO C 189 -7.76 -49.43 4.66
N ALA C 190 -8.08 -48.77 5.79
CA ALA C 190 -9.32 -49.00 6.47
C ALA C 190 -10.56 -48.67 5.64
N VAL C 191 -11.62 -49.46 5.86
CA VAL C 191 -12.88 -49.26 5.18
C VAL C 191 -13.88 -48.92 6.25
N LEU C 192 -14.66 -47.85 6.01
CA LEU C 192 -15.79 -47.50 6.83
C LEU C 192 -16.96 -48.40 6.47
N GLN C 193 -17.46 -49.17 7.45
CA GLN C 193 -18.59 -50.04 7.29
C GLN C 193 -19.88 -49.25 7.44
N SER C 194 -21.04 -49.84 7.06
CA SER C 194 -22.34 -49.18 7.13
C SER C 194 -22.83 -48.99 8.56
N SER C 195 -22.20 -49.70 9.52
CA SER C 195 -22.35 -49.56 10.96
C SER C 195 -21.75 -48.27 11.51
N GLY C 196 -20.89 -47.57 10.72
CA GLY C 196 -20.15 -46.39 11.16
C GLY C 196 -18.83 -46.74 11.81
N LEU C 197 -18.46 -48.03 11.80
CA LEU C 197 -17.23 -48.51 12.37
C LEU C 197 -16.26 -48.89 11.28
N TYR C 198 -14.95 -48.69 11.52
CA TYR C 198 -13.91 -49.03 10.59
C TYR C 198 -13.49 -50.47 10.75
N SER C 199 -12.94 -51.06 9.68
CA SER C 199 -12.40 -52.39 9.71
C SER C 199 -11.23 -52.38 8.75
N LEU C 200 -10.13 -53.10 9.06
CA LEU C 200 -9.03 -53.24 8.14
C LEU C 200 -8.40 -54.61 8.28
N SER C 201 -7.70 -55.04 7.22
CA SER C 201 -6.99 -56.31 7.21
C SER C 201 -5.54 -56.05 6.93
N SER C 202 -4.67 -56.85 7.55
CA SER C 202 -3.25 -56.88 7.28
C SER C 202 -2.90 -58.29 6.95
N VAL C 203 -2.14 -58.51 5.87
CA VAL C 203 -1.79 -59.82 5.39
C VAL C 203 -0.31 -59.85 5.13
N VAL C 204 0.25 -61.05 5.07
CA VAL C 204 1.62 -61.28 4.67
C VAL C 204 1.68 -62.60 3.95
N THR C 205 2.50 -62.68 2.88
CA THR C 205 2.77 -63.88 2.11
C THR C 205 4.10 -64.43 2.53
N VAL C 206 4.15 -65.74 2.83
CA VAL C 206 5.32 -66.37 3.42
C VAL C 206 5.57 -67.69 2.71
N PRO C 207 6.78 -68.27 2.72
CA PRO C 207 7.00 -69.65 2.28
C PRO C 207 6.11 -70.67 2.98
N SER C 208 5.41 -71.58 2.26
CA SER C 208 4.55 -72.59 2.89
C SER C 208 5.29 -73.56 3.80
N SER C 209 6.60 -73.77 3.54
CA SER C 209 7.51 -74.59 4.32
C SER C 209 7.85 -73.99 5.68
N SER C 210 7.59 -72.67 5.90
CA SER C 210 7.85 -72.00 7.17
C SER C 210 6.69 -72.14 8.15
N LEU C 211 5.51 -72.61 7.69
CA LEU C 211 4.27 -72.60 8.46
C LEU C 211 4.30 -73.43 9.72
N GLY C 212 5.10 -74.52 9.75
CA GLY C 212 5.26 -75.33 10.94
C GLY C 212 6.25 -74.79 11.95
N THR C 213 7.14 -73.85 11.57
CA THR C 213 8.32 -73.55 12.39
C THR C 213 8.50 -72.08 12.67
N GLN C 214 8.03 -71.16 11.82
CA GLN C 214 8.13 -69.74 12.07
C GLN C 214 6.83 -69.25 12.69
N THR C 215 6.93 -68.56 13.84
CA THR C 215 5.79 -67.91 14.46
C THR C 215 5.45 -66.61 13.74
N TYR C 216 4.15 -66.32 13.56
CA TYR C 216 3.69 -65.10 12.93
C TYR C 216 2.71 -64.46 13.87
N ILE C 217 3.04 -63.27 14.38
CA ILE C 217 2.23 -62.51 15.30
C ILE C 217 2.00 -61.15 14.71
N CYS C 218 0.73 -60.71 14.59
CA CYS C 218 0.42 -59.33 14.23
C CYS C 218 0.25 -58.54 15.52
N ASN C 219 0.87 -57.36 15.58
CA ASN C 219 0.83 -56.49 16.74
C ASN C 219 -0.06 -55.33 16.37
N VAL C 220 -1.21 -55.20 17.05
CA VAL C 220 -2.25 -54.25 16.72
C VAL C 220 -2.34 -53.24 17.84
N ASN C 221 -2.33 -51.94 17.52
CA ASN C 221 -2.57 -50.91 18.51
C ASN C 221 -3.60 -49.92 18.01
N HIS C 222 -4.73 -49.83 18.71
CA HIS C 222 -5.74 -48.82 18.54
C HIS C 222 -5.59 -47.91 19.75
N LYS C 223 -4.66 -46.95 19.66
CA LYS C 223 -4.41 -45.95 20.68
C LYS C 223 -5.62 -45.09 21.08
N PRO C 224 -6.57 -44.64 20.21
CA PRO C 224 -7.76 -43.92 20.65
C PRO C 224 -8.63 -44.62 21.70
N SER C 225 -8.66 -45.98 21.76
CA SER C 225 -9.45 -46.71 22.75
C SER C 225 -8.61 -47.35 23.82
N ASN C 226 -7.26 -47.21 23.77
CA ASN C 226 -6.32 -47.89 24.64
C ASN C 226 -6.27 -49.41 24.42
N THR C 227 -6.41 -49.88 23.16
CA THR C 227 -6.53 -51.31 22.87
C THR C 227 -5.31 -51.77 22.14
N LYS C 228 -4.59 -52.71 22.77
CA LYS C 228 -3.33 -53.22 22.29
C LYS C 228 -3.42 -54.74 22.31
N VAL C 229 -3.16 -55.40 21.16
CA VAL C 229 -3.39 -56.83 20.99
C VAL C 229 -2.24 -57.40 20.20
N ASP C 230 -1.67 -58.54 20.65
CA ASP C 230 -0.76 -59.35 19.87
C ASP C 230 -1.52 -60.60 19.48
N LYS C 231 -1.65 -60.89 18.16
CA LYS C 231 -2.37 -62.05 17.71
C LYS C 231 -1.47 -62.98 16.95
N ARG C 232 -1.21 -64.18 17.52
CA ARG C 232 -0.57 -65.28 16.83
C ARG C 232 -1.50 -65.90 15.80
N VAL C 233 -1.01 -66.06 14.55
CA VAL C 233 -1.78 -66.60 13.45
C VAL C 233 -1.07 -67.82 12.93
N GLU C 234 -1.78 -68.96 12.82
CA GLU C 234 -1.18 -70.19 12.35
C GLU C 234 -2.24 -71.03 11.65
N PRO C 235 -1.91 -72.09 10.89
CA PRO C 235 -2.86 -73.01 10.28
C PRO C 235 -3.92 -73.51 11.22
N LYS C 236 -5.21 -73.44 10.84
CA LYS C 236 -6.25 -74.07 11.62
C LYS C 236 -6.14 -75.60 11.57
N SER C 237 -6.42 -76.27 12.71
CA SER C 237 -6.38 -77.71 12.86
C SER C 237 -7.79 -78.23 13.08
N CYS C 238 -7.91 -79.48 13.52
CA CYS C 238 -9.13 -80.23 13.62
C CYS C 238 -9.04 -81.07 14.92
N GLN D 20 -28.85 -23.50 -9.62
CA GLN D 20 -28.54 -24.32 -10.81
C GLN D 20 -27.67 -25.51 -10.39
N PHE D 21 -27.59 -26.56 -11.22
CA PHE D 21 -26.84 -27.77 -10.80
C PHE D 21 -26.50 -28.66 -11.99
N THR D 22 -25.29 -28.55 -12.55
CA THR D 22 -24.89 -29.46 -13.65
C THR D 22 -23.37 -29.57 -13.76
N LEU D 23 -22.84 -30.50 -14.60
CA LEU D 23 -21.38 -30.78 -14.84
C LEU D 23 -21.15 -32.27 -14.65
N THR D 24 -20.93 -33.00 -15.74
CA THR D 24 -20.76 -34.49 -15.68
C THR D 24 -19.41 -34.87 -16.27
N GLN D 25 -18.70 -35.80 -15.63
CA GLN D 25 -17.35 -36.19 -16.09
C GLN D 25 -17.27 -37.71 -16.25
N PRO D 26 -16.52 -38.25 -17.23
CA PRO D 26 -16.35 -39.71 -17.36
C PRO D 26 -15.72 -40.32 -16.11
N LYS D 27 -15.94 -41.62 -15.87
CA LYS D 27 -15.40 -42.21 -14.62
C LYS D 27 -13.88 -42.31 -14.67
N SER D 28 -13.30 -42.75 -15.79
CA SER D 28 -11.83 -42.96 -15.81
C SER D 28 -11.27 -43.36 -17.18
N VAL D 29 -9.94 -43.35 -17.32
CA VAL D 29 -9.28 -43.81 -18.53
C VAL D 29 -7.88 -44.26 -18.17
N SER D 30 -7.32 -45.23 -18.92
CA SER D 30 -5.96 -45.71 -18.74
C SER D 30 -5.20 -45.37 -20.00
N GLY D 31 -4.07 -44.66 -19.89
CA GLY D 31 -3.31 -44.23 -21.07
C GLY D 31 -1.82 -44.42 -20.91
N SER D 32 -1.16 -44.88 -21.98
CA SER D 32 0.27 -45.09 -22.02
C SER D 32 1.11 -43.84 -21.87
N LEU D 33 2.31 -43.96 -21.26
CA LEU D 33 3.25 -42.86 -21.23
C LEU D 33 3.65 -42.39 -22.63
N ARG D 34 3.71 -41.06 -22.81
CA ARG D 34 3.97 -40.35 -24.05
C ARG D 34 2.74 -40.18 -24.94
N SER D 35 1.61 -40.74 -24.51
CA SER D 35 0.36 -40.63 -25.30
C SER D 35 -0.34 -39.29 -24.99
N THR D 36 -1.42 -39.00 -25.70
CA THR D 36 -2.19 -37.77 -25.42
C THR D 36 -3.54 -38.19 -24.82
N ILE D 37 -3.89 -37.63 -23.66
CA ILE D 37 -5.17 -37.99 -22.98
C ILE D 37 -6.08 -36.77 -23.02
N THR D 38 -7.31 -36.96 -23.49
CA THR D 38 -8.28 -35.82 -23.47
C THR D 38 -9.36 -36.16 -22.45
N ILE D 39 -9.57 -35.28 -21.47
CA ILE D 39 -10.61 -35.51 -20.43
C ILE D 39 -11.76 -34.55 -20.76
N PRO D 40 -12.97 -35.03 -21.19
CA PRO D 40 -14.05 -34.12 -21.59
C PRO D 40 -15.04 -33.79 -20.48
N CYS D 41 -15.05 -32.54 -20.02
CA CYS D 41 -16.03 -32.13 -18.98
C CYS D 41 -17.30 -31.69 -19.70
N ASP D 42 -18.30 -32.58 -19.78
CA ASP D 42 -19.54 -32.26 -20.51
C ASP D 42 -20.34 -31.28 -19.66
N ARG D 43 -20.80 -30.18 -20.25
CA ARG D 43 -21.49 -29.15 -19.43
C ARG D 43 -22.77 -29.75 -18.86
N SER D 44 -23.52 -30.51 -19.68
CA SER D 44 -24.82 -31.11 -19.26
C SER D 44 -25.81 -30.00 -18.91
N SER D 45 -26.81 -29.76 -19.77
CA SER D 45 -27.73 -28.62 -19.49
C SER D 45 -26.83 -27.39 -19.28
N GLY D 46 -25.73 -27.33 -20.02
CA GLY D 46 -24.77 -26.23 -19.82
C GLY D 46 -25.42 -24.92 -20.15
N GLY D 47 -26.22 -24.88 -21.21
CA GLY D 47 -26.75 -23.57 -21.60
C GLY D 47 -25.58 -22.71 -21.99
N ILE D 48 -25.17 -21.83 -21.08
CA ILE D 48 -24.03 -20.91 -21.34
C ILE D 48 -22.71 -21.67 -21.10
N ARG D 49 -22.40 -22.62 -21.99
CA ARG D 49 -21.20 -23.48 -21.83
C ARG D 49 -19.93 -22.65 -21.85
N ASP D 50 -19.94 -21.53 -22.58
CA ASP D 50 -18.70 -20.74 -22.75
C ASP D 50 -18.49 -19.80 -21.56
N SER D 51 -19.34 -19.88 -20.54
CA SER D 51 -19.21 -18.89 -19.44
C SER D 51 -17.81 -18.95 -18.83
N TYR D 52 -17.30 -20.13 -18.49
CA TYR D 52 -15.89 -20.26 -18.01
C TYR D 52 -15.58 -21.72 -17.70
N VAL D 53 -14.31 -22.04 -17.49
CA VAL D 53 -13.97 -23.43 -17.06
C VAL D 53 -12.62 -23.38 -16.35
N SER D 54 -12.36 -24.33 -15.46
CA SER D 54 -11.03 -24.41 -14.81
C SER D 54 -10.71 -25.90 -14.62
N TRP D 55 -9.44 -26.29 -14.62
CA TRP D 55 -9.10 -27.71 -14.35
C TRP D 55 -8.26 -27.82 -13.07
N TYR D 56 -8.67 -28.69 -12.14
CA TYR D 56 -7.94 -28.86 -10.86
C TYR D 56 -7.44 -30.30 -10.78
N GLN D 57 -6.22 -30.52 -10.29
CA GLN D 57 -5.62 -31.89 -10.26
C GLN D 57 -5.40 -32.36 -8.81
N GLN D 58 -5.81 -33.59 -8.50
CA GLN D 58 -5.66 -34.13 -7.13
C GLN D 58 -4.88 -35.45 -7.12
N HIS D 59 -3.83 -35.56 -6.32
CA HIS D 59 -2.99 -36.73 -6.20
C HIS D 59 -3.02 -37.24 -4.78
N LEU D 60 -2.90 -38.56 -4.54
CA LEU D 60 -2.98 -39.18 -3.21
C LEU D 60 -4.11 -38.65 -2.31
N GLY D 61 -3.78 -38.28 -1.07
CA GLY D 61 -4.62 -37.50 -0.16
C GLY D 61 -4.19 -36.05 -0.10
N ARG D 62 -3.49 -35.55 -1.14
CA ARG D 62 -3.03 -34.17 -1.21
C ARG D 62 -4.17 -33.22 -1.63
N PRO D 63 -4.07 -31.91 -1.37
CA PRO D 63 -5.06 -30.95 -1.86
C PRO D 63 -5.05 -30.83 -3.38
N PRO D 64 -6.15 -30.46 -4.05
CA PRO D 64 -6.16 -30.10 -5.46
C PRO D 64 -5.17 -29.03 -5.87
N LEU D 65 -4.56 -29.18 -7.05
CA LEU D 65 -3.69 -28.19 -7.62
C LEU D 65 -4.37 -27.63 -8.85
N ASN D 66 -4.45 -26.29 -8.98
CA ASN D 66 -5.00 -25.62 -10.15
C ASN D 66 -4.07 -25.80 -11.33
N VAL D 67 -4.59 -26.39 -12.42
CA VAL D 67 -3.83 -26.65 -13.64
C VAL D 67 -4.19 -25.64 -14.68
N ILE D 68 -5.46 -25.20 -14.74
CA ILE D 68 -5.94 -24.20 -15.67
C ILE D 68 -7.03 -23.41 -15.00
N TYR D 69 -7.07 -22.08 -15.14
CA TYR D 69 -8.22 -21.26 -14.82
C TYR D 69 -8.50 -20.57 -16.12
N ALA D 70 -9.64 -19.94 -16.34
CA ALA D 70 -9.82 -19.16 -17.58
C ALA D 70 -9.73 -19.98 -18.88
N ASP D 71 -10.06 -21.27 -18.87
CA ASP D 71 -10.17 -22.08 -20.12
C ASP D 71 -8.81 -22.47 -20.68
N ASP D 72 -7.80 -21.61 -20.55
CA ASP D 72 -6.42 -21.96 -20.99
C ASP D 72 -5.46 -21.24 -20.06
N GLN D 73 -4.51 -20.49 -20.61
CA GLN D 73 -3.60 -19.69 -19.75
C GLN D 73 -3.22 -20.50 -18.51
N ARG D 74 -2.62 -21.67 -18.71
CA ARG D 74 -2.15 -22.51 -17.57
C ARG D 74 -1.35 -21.62 -16.63
N PRO D 75 -1.59 -21.65 -15.30
CA PRO D 75 -0.78 -20.89 -14.37
C PRO D 75 0.65 -21.42 -14.48
N SER D 76 1.60 -20.68 -13.91
CA SER D 76 3.03 -21.08 -14.03
C SER D 76 3.27 -22.44 -13.37
N GLU D 77 4.45 -23.01 -13.60
CA GLU D 77 4.82 -24.33 -13.00
C GLU D 77 4.15 -25.48 -13.75
N VAL D 78 2.81 -25.49 -13.83
CA VAL D 78 2.17 -26.65 -14.49
C VAL D 78 2.80 -26.79 -15.87
N SER D 79 3.02 -28.02 -16.30
CA SER D 79 3.76 -28.19 -17.57
C SER D 79 2.93 -27.85 -18.81
N ASP D 80 3.47 -27.03 -19.70
CA ASP D 80 2.88 -26.76 -21.00
C ASP D 80 2.10 -27.91 -21.60
N ARG D 81 2.46 -29.16 -21.23
CA ARG D 81 1.77 -30.36 -21.69
C ARG D 81 0.30 -30.43 -21.31
N PHE D 82 -0.09 -29.72 -20.23
CA PHE D 82 -1.47 -29.50 -19.88
C PHE D 82 -2.01 -28.32 -20.66
N SER D 83 -3.08 -28.53 -21.46
CA SER D 83 -3.74 -27.44 -22.14
C SER D 83 -5.23 -27.66 -22.13
N GLY D 84 -5.99 -26.56 -22.14
CA GLY D 84 -7.44 -26.60 -22.05
C GLY D 84 -7.97 -25.96 -23.27
N SER D 85 -9.19 -26.31 -23.64
CA SER D 85 -9.81 -25.70 -24.79
C SER D 85 -11.29 -25.81 -24.59
N ILE D 86 -12.04 -24.84 -25.14
CA ILE D 86 -13.48 -24.85 -25.10
C ILE D 86 -13.97 -24.76 -26.51
N ASP D 87 -14.16 -25.96 -27.06
CA ASP D 87 -14.57 -26.06 -28.47
C ASP D 87 -15.97 -26.66 -28.49
N SER D 88 -16.42 -27.08 -29.67
CA SER D 88 -17.81 -27.61 -29.82
C SER D 88 -18.80 -26.48 -29.56
N SER D 89 -18.68 -25.78 -28.43
CA SER D 89 -19.68 -24.76 -28.04
C SER D 89 -21.03 -25.47 -27.94
N SER D 90 -21.03 -26.81 -28.11
CA SER D 90 -22.26 -27.63 -27.93
C SER D 90 -22.10 -28.23 -26.54
N ASN D 91 -21.59 -27.44 -25.60
CA ASN D 91 -21.31 -27.92 -24.23
C ASN D 91 -20.16 -28.90 -24.35
N SER D 92 -18.91 -28.48 -24.09
CA SER D 92 -17.77 -29.40 -24.31
C SER D 92 -16.37 -28.89 -23.94
N ALA D 93 -16.16 -28.29 -22.76
CA ALA D 93 -14.79 -28.02 -22.41
C ALA D 93 -13.96 -29.28 -22.41
N SER D 94 -12.64 -29.18 -22.60
CA SER D 94 -11.78 -30.35 -22.52
C SER D 94 -10.42 -29.99 -21.98
N LEU D 95 -9.85 -30.90 -21.18
CA LEU D 95 -8.48 -30.86 -20.72
C LEU D 95 -7.70 -31.88 -21.50
N THR D 96 -6.63 -31.42 -22.15
CA THR D 96 -5.76 -32.23 -22.96
C THR D 96 -4.44 -32.32 -22.25
N ILE D 97 -3.93 -33.54 -22.03
CA ILE D 97 -2.57 -33.75 -21.56
C ILE D 97 -1.84 -34.40 -22.70
N THR D 98 -0.92 -33.67 -23.36
CA THR D 98 -0.08 -34.24 -24.41
C THR D 98 1.13 -34.87 -23.78
N ASN D 99 1.74 -35.91 -24.40
CA ASN D 99 2.97 -36.50 -23.90
C ASN D 99 2.88 -36.95 -22.44
N LEU D 100 1.91 -37.81 -22.10
CA LEU D 100 1.61 -38.18 -20.73
C LEU D 100 2.81 -38.71 -19.96
N GLN D 101 3.04 -38.19 -18.75
CA GLN D 101 4.14 -38.58 -17.91
C GLN D 101 3.67 -39.38 -16.71
N MET D 102 4.60 -40.03 -16.02
CA MET D 102 4.30 -40.93 -14.91
C MET D 102 3.80 -40.23 -13.66
N ASP D 103 4.10 -38.93 -13.52
CA ASP D 103 3.72 -38.10 -12.41
C ASP D 103 2.40 -37.41 -12.68
N ASP D 104 1.76 -37.70 -13.83
CA ASP D 104 0.46 -37.19 -14.17
C ASP D 104 -0.67 -38.15 -13.76
N GLU D 105 -0.38 -39.25 -13.03
CA GLU D 105 -1.45 -40.07 -12.46
C GLU D 105 -2.19 -39.30 -11.38
N ALA D 106 -3.54 -39.28 -11.42
CA ALA D 106 -4.31 -38.34 -10.63
C ALA D 106 -5.77 -38.36 -11.03
N ASP D 107 -6.64 -37.90 -10.10
CA ASP D 107 -8.01 -37.56 -10.40
C ASP D 107 -8.04 -36.12 -10.89
N TYR D 108 -8.75 -35.85 -12.00
CA TYR D 108 -8.82 -34.53 -12.60
C TYR D 108 -10.23 -33.99 -12.49
N PHE D 109 -10.37 -32.73 -12.04
CA PHE D 109 -11.65 -32.13 -11.77
C PHE D 109 -11.81 -30.85 -12.56
N CYS D 110 -13.02 -30.65 -13.12
CA CYS D 110 -13.32 -29.42 -13.89
C CYS D 110 -14.25 -28.50 -13.08
N GLN D 111 -13.71 -27.46 -12.46
CA GLN D 111 -14.57 -26.48 -11.74
C GLN D 111 -15.28 -25.63 -12.79
N SER D 112 -16.45 -25.09 -12.46
CA SER D 112 -17.22 -24.36 -13.48
C SER D 112 -17.56 -22.94 -13.06
N TYR D 113 -18.53 -22.37 -13.74
CA TYR D 113 -18.90 -20.95 -13.53
C TYR D 113 -20.10 -20.83 -12.62
N ASP D 114 -21.16 -20.18 -13.13
CA ASP D 114 -22.40 -19.96 -12.34
C ASP D 114 -21.98 -19.19 -11.10
N SER D 115 -20.96 -18.34 -11.23
CA SER D 115 -20.45 -17.63 -10.04
C SER D 115 -21.59 -16.78 -9.48
N ASP D 116 -22.37 -16.12 -10.35
CA ASP D 116 -23.58 -15.41 -9.84
C ASP D 116 -24.84 -15.93 -10.55
N PHE D 117 -24.72 -16.92 -11.43
CA PHE D 117 -25.96 -17.51 -12.01
C PHE D 117 -26.71 -18.09 -10.81
N ASP D 118 -25.98 -18.80 -9.93
CA ASP D 118 -26.60 -19.36 -8.70
C ASP D 118 -25.49 -19.65 -7.69
N VAL D 119 -24.80 -20.79 -7.84
CA VAL D 119 -23.73 -21.19 -6.88
C VAL D 119 -22.56 -21.80 -7.66
N TYR D 120 -21.37 -21.83 -7.06
CA TYR D 120 -20.19 -22.44 -7.73
C TYR D 120 -20.39 -23.95 -7.79
N ILE D 121 -19.85 -24.62 -8.82
CA ILE D 121 -20.10 -26.09 -8.96
C ILE D 121 -18.80 -26.79 -9.35
N PHE D 122 -18.71 -28.09 -9.08
CA PHE D 122 -17.51 -28.88 -9.44
C PHE D 122 -17.98 -30.17 -10.12
N GLY D 123 -17.19 -30.71 -11.04
CA GLY D 123 -17.59 -31.93 -11.78
C GLY D 123 -17.41 -33.17 -10.94
N GLY D 124 -17.72 -34.36 -11.48
CA GLY D 124 -17.59 -35.49 -10.56
C GLY D 124 -16.21 -36.10 -10.48
N GLY D 125 -15.27 -35.59 -11.28
CA GLY D 125 -13.89 -36.07 -11.32
C GLY D 125 -13.70 -37.15 -12.34
N THR D 126 -12.49 -37.21 -12.93
CA THR D 126 -12.12 -38.28 -13.82
C THR D 126 -10.80 -38.88 -13.39
N LYS D 127 -10.74 -40.21 -13.20
CA LYS D 127 -9.51 -40.87 -12.81
C LYS D 127 -8.63 -41.18 -14.01
N LEU D 128 -7.39 -40.66 -14.01
CA LEU D 128 -6.44 -40.97 -15.06
C LEU D 128 -5.39 -41.93 -14.52
N THR D 129 -5.41 -43.17 -15.03
CA THR D 129 -4.40 -44.17 -14.69
C THR D 129 -3.38 -44.29 -15.81
N VAL D 130 -2.17 -44.69 -15.43
CA VAL D 130 -1.06 -44.76 -16.43
C VAL D 130 -0.84 -46.23 -16.80
N LEU D 131 -0.49 -46.51 -18.05
CA LEU D 131 -0.15 -47.90 -18.42
C LEU D 131 1.32 -48.12 -18.06
N GLY D 132 1.60 -48.96 -17.06
CA GLY D 132 2.98 -49.18 -16.60
C GLY D 132 3.55 -50.46 -17.18
N GLN D 133 4.12 -51.32 -16.34
CA GLN D 133 4.60 -52.64 -16.83
C GLN D 133 3.36 -53.53 -16.87
N ARG D 134 2.64 -53.53 -17.99
CA ARG D 134 1.35 -54.25 -18.06
C ARG D 134 1.54 -55.75 -17.85
N THR D 135 0.62 -56.38 -17.11
CA THR D 135 0.68 -57.84 -16.87
C THR D 135 2.06 -58.18 -16.30
N VAL D 136 2.58 -57.34 -15.40
CA VAL D 136 3.87 -57.68 -14.75
C VAL D 136 3.65 -58.96 -13.95
N ALA D 137 2.48 -59.09 -13.29
CA ALA D 137 2.17 -60.32 -12.53
C ALA D 137 0.65 -60.57 -12.50
N ALA D 138 0.24 -61.82 -12.26
CA ALA D 138 -1.19 -62.15 -12.12
C ALA D 138 -1.48 -62.30 -10.62
N PRO D 139 -2.67 -61.92 -10.10
CA PRO D 139 -2.90 -61.95 -8.64
C PRO D 139 -2.87 -63.34 -7.98
N SER D 140 -2.17 -63.45 -6.85
CA SER D 140 -2.22 -64.72 -6.08
C SER D 140 -3.53 -64.68 -5.32
N VAL D 141 -4.42 -65.66 -5.52
CA VAL D 141 -5.73 -65.50 -4.91
C VAL D 141 -5.86 -66.44 -3.73
N PHE D 142 -6.33 -65.91 -2.58
CA PHE D 142 -6.48 -66.67 -1.35
C PHE D 142 -7.85 -66.37 -0.77
N ILE D 143 -8.49 -67.36 -0.11
CA ILE D 143 -9.74 -67.18 0.60
C ILE D 143 -9.55 -67.58 2.04
N PHE D 144 -10.11 -66.78 2.97
CA PHE D 144 -10.02 -67.03 4.39
C PHE D 144 -11.45 -67.20 4.93
N PRO D 145 -11.84 -68.34 5.51
CA PRO D 145 -13.10 -68.46 6.24
C PRO D 145 -13.14 -67.58 7.47
N PRO D 146 -14.31 -67.27 8.04
CA PRO D 146 -14.39 -66.59 9.32
C PRO D 146 -13.88 -67.48 10.44
N SER D 147 -13.27 -66.88 11.45
CA SER D 147 -12.76 -67.59 12.60
C SER D 147 -13.84 -67.97 13.60
N ASP D 148 -13.61 -69.06 14.36
CA ASP D 148 -14.52 -69.53 15.38
C ASP D 148 -14.76 -68.50 16.46
N GLU D 149 -13.71 -67.74 16.86
CA GLU D 149 -13.81 -66.61 17.75
C GLU D 149 -14.70 -65.49 17.26
N GLN D 150 -14.68 -65.14 15.95
CA GLN D 150 -15.63 -64.21 15.39
C GLN D 150 -17.05 -64.76 15.36
N LEU D 151 -17.24 -66.04 15.00
CA LEU D 151 -18.55 -66.68 14.99
C LEU D 151 -19.23 -66.69 16.35
N LYS D 152 -18.48 -66.77 17.46
CA LYS D 152 -19.02 -66.58 18.79
C LYS D 152 -19.66 -65.22 19.05
N SER D 153 -19.21 -64.13 18.38
CA SER D 153 -19.75 -62.80 18.61
C SER D 153 -20.91 -62.46 17.68
N GLY D 154 -21.35 -63.42 16.84
CA GLY D 154 -22.61 -63.32 16.09
C GLY D 154 -22.48 -62.86 14.67
N THR D 155 -21.25 -62.65 14.18
CA THR D 155 -20.99 -62.13 12.85
C THR D 155 -20.01 -63.04 12.14
N ALA D 156 -20.07 -63.14 10.80
CA ALA D 156 -19.10 -63.88 10.03
C ALA D 156 -18.52 -63.02 8.92
N SER D 157 -17.19 -62.84 8.90
CA SER D 157 -16.50 -62.13 7.85
C SER D 157 -15.66 -63.10 7.03
N VAL D 158 -15.92 -63.17 5.72
CA VAL D 158 -15.19 -64.02 4.80
C VAL D 158 -14.28 -63.12 3.99
N VAL D 159 -12.97 -63.41 3.93
CA VAL D 159 -12.02 -62.50 3.29
C VAL D 159 -11.43 -63.16 2.06
N CYS D 160 -11.36 -62.41 0.96
CA CYS D 160 -10.68 -62.83 -0.26
C CYS D 160 -9.53 -61.87 -0.49
N LEU D 161 -8.34 -62.41 -0.76
CA LEU D 161 -7.13 -61.64 -0.98
C LEU D 161 -6.65 -61.88 -2.39
N LEU D 162 -6.36 -60.79 -3.12
CA LEU D 162 -5.70 -60.82 -4.41
C LEU D 162 -4.36 -60.16 -4.20
N ASN D 163 -3.26 -60.89 -4.43
CA ASN D 163 -1.93 -60.45 -4.04
C ASN D 163 -1.05 -60.18 -5.26
N ASN D 164 -0.48 -58.96 -5.31
CA ASN D 164 0.55 -58.51 -6.24
C ASN D 164 0.19 -58.58 -7.71
N PHE D 165 -0.83 -57.83 -8.15
CA PHE D 165 -1.30 -57.85 -9.52
C PHE D 165 -1.22 -56.48 -10.19
N TYR D 166 -1.18 -56.47 -11.53
CA TYR D 166 -1.22 -55.24 -12.27
C TYR D 166 -1.97 -55.55 -13.57
N PRO D 167 -2.86 -54.74 -14.16
CA PRO D 167 -3.30 -53.42 -13.70
C PRO D 167 -4.26 -53.52 -12.55
N ARG D 168 -4.77 -52.37 -12.10
CA ARG D 168 -5.62 -52.27 -10.94
C ARG D 168 -6.99 -52.92 -11.14
N GLU D 169 -7.50 -52.85 -12.36
CA GLU D 169 -8.79 -53.36 -12.76
C GLU D 169 -8.92 -54.86 -12.58
N ALA D 170 -9.77 -55.27 -11.62
CA ALA D 170 -10.03 -56.64 -11.29
C ALA D 170 -11.51 -56.73 -11.02
N LYS D 171 -12.11 -57.91 -11.16
CA LYS D 171 -13.50 -58.11 -10.75
C LYS D 171 -13.54 -59.25 -9.76
N VAL D 172 -13.95 -58.96 -8.52
CA VAL D 172 -14.00 -59.93 -7.44
C VAL D 172 -15.46 -60.17 -7.12
N GLN D 173 -15.93 -61.42 -7.27
CA GLN D 173 -17.32 -61.76 -7.05
C GLN D 173 -17.45 -62.82 -5.99
N TRP D 174 -18.37 -62.60 -5.05
CA TRP D 174 -18.65 -63.55 -3.99
C TRP D 174 -19.86 -64.37 -4.36
N LYS D 175 -19.76 -65.71 -4.22
CA LYS D 175 -20.89 -66.60 -4.37
C LYS D 175 -21.08 -67.41 -3.11
N VAL D 176 -22.33 -67.50 -2.63
CA VAL D 176 -22.69 -68.31 -1.47
C VAL D 176 -23.80 -69.23 -1.92
N ASP D 177 -23.56 -70.56 -1.94
CA ASP D 177 -24.43 -71.57 -2.53
C ASP D 177 -25.02 -71.17 -3.89
N ASN D 178 -24.12 -70.76 -4.81
CA ASN D 178 -24.36 -70.32 -6.18
C ASN D 178 -24.88 -68.88 -6.31
N ALA D 179 -25.49 -68.31 -5.25
CA ALA D 179 -26.03 -66.96 -5.29
C ALA D 179 -24.95 -65.89 -5.25
N LEU D 180 -24.90 -65.02 -6.28
CA LEU D 180 -24.05 -63.85 -6.29
C LEU D 180 -24.40 -62.88 -5.17
N GLN D 181 -23.41 -62.50 -4.37
CA GLN D 181 -23.61 -61.58 -3.27
C GLN D 181 -23.30 -60.17 -3.72
N SER D 182 -24.19 -59.22 -3.37
CA SER D 182 -24.04 -57.83 -3.77
C SER D 182 -24.56 -56.97 -2.65
N GLY D 183 -23.84 -55.88 -2.32
CA GLY D 183 -24.23 -54.94 -1.27
C GLY D 183 -23.87 -55.36 0.13
N ASN D 184 -23.26 -56.53 0.32
CA ASN D 184 -22.85 -57.05 1.61
C ASN D 184 -21.35 -57.32 1.67
N SER D 185 -20.58 -56.76 0.73
CA SER D 185 -19.15 -56.85 0.72
C SER D 185 -18.53 -55.50 0.53
N GLN D 186 -17.24 -55.36 0.90
CA GLN D 186 -16.48 -54.14 0.73
C GLN D 186 -15.06 -54.50 0.35
N GLU D 187 -14.44 -53.67 -0.51
CA GLU D 187 -13.08 -53.86 -0.97
C GLU D 187 -12.16 -52.78 -0.44
N SER D 188 -10.87 -53.12 -0.29
CA SER D 188 -9.80 -52.18 -0.02
C SER D 188 -8.65 -52.54 -0.92
N VAL D 189 -8.01 -51.55 -1.55
CA VAL D 189 -6.92 -51.77 -2.49
C VAL D 189 -5.74 -51.00 -1.98
N THR D 190 -4.55 -51.62 -1.90
CA THR D 190 -3.31 -50.91 -1.59
C THR D 190 -2.96 -49.92 -2.67
N GLU D 191 -2.27 -48.81 -2.33
CA GLU D 191 -1.58 -48.03 -3.34
C GLU D 191 -0.43 -48.84 -3.96
N GLN D 192 0.04 -48.45 -5.16
CA GLN D 192 0.97 -49.23 -5.95
C GLN D 192 2.31 -49.45 -5.24
N ASP D 193 2.85 -50.69 -5.25
CA ASP D 193 4.10 -50.97 -4.59
C ASP D 193 5.26 -50.21 -5.24
N SER D 194 6.23 -49.78 -4.42
CA SER D 194 7.32 -48.95 -4.89
C SER D 194 8.46 -49.79 -5.44
N LYS D 195 8.38 -51.13 -5.36
CA LYS D 195 9.40 -51.99 -5.92
C LYS D 195 8.93 -52.78 -7.12
N ASP D 196 7.77 -53.46 -7.08
CA ASP D 196 7.35 -54.27 -8.21
C ASP D 196 6.27 -53.63 -9.05
N SER D 197 5.73 -52.48 -8.58
CA SER D 197 4.71 -51.68 -9.24
C SER D 197 3.37 -52.37 -9.35
N THR D 198 3.03 -53.27 -8.40
CA THR D 198 1.77 -54.00 -8.34
C THR D 198 0.78 -53.43 -7.35
N TYR D 199 -0.47 -53.92 -7.40
CA TYR D 199 -1.50 -53.63 -6.43
C TYR D 199 -1.90 -54.90 -5.70
N SER D 200 -2.40 -54.79 -4.46
CA SER D 200 -3.01 -55.90 -3.75
C SER D 200 -4.38 -55.47 -3.27
N LEU D 201 -5.33 -56.41 -3.16
CA LEU D 201 -6.72 -56.08 -2.92
C LEU D 201 -7.26 -57.07 -1.90
N SER D 202 -7.99 -56.56 -0.90
CA SER D 202 -8.76 -57.39 0.02
C SER D 202 -10.22 -57.11 -0.19
N SER D 203 -11.03 -58.17 -0.27
CA SER D 203 -12.48 -58.04 -0.34
C SER D 203 -13.04 -58.80 0.83
N THR D 204 -13.93 -58.18 1.60
CA THR D 204 -14.51 -58.78 2.78
C THR D 204 -16.00 -58.89 2.57
N LEU D 205 -16.54 -60.12 2.66
CA LEU D 205 -17.96 -60.41 2.66
C LEU D 205 -18.42 -60.56 4.10
N THR D 206 -19.44 -59.81 4.53
CA THR D 206 -19.88 -59.84 5.93
C THR D 206 -21.30 -60.33 6.00
N LEU D 207 -21.55 -61.38 6.80
CA LEU D 207 -22.87 -61.94 7.03
C LEU D 207 -23.10 -62.04 8.51
N SER D 208 -24.36 -62.19 8.95
CA SER D 208 -24.63 -62.62 10.32
C SER D 208 -24.21 -64.07 10.52
N LYS D 209 -23.95 -64.50 11.77
CA LYS D 209 -23.70 -65.91 12.06
C LYS D 209 -24.85 -66.80 11.62
N ALA D 210 -26.09 -66.37 11.89
CA ALA D 210 -27.29 -67.10 11.51
C ALA D 210 -27.40 -67.28 10.01
N ASP D 211 -27.12 -66.23 9.20
CA ASP D 211 -27.01 -66.34 7.77
C ASP D 211 -25.88 -67.24 7.31
N TYR D 212 -24.69 -67.13 7.94
CA TYR D 212 -23.54 -67.95 7.61
C TYR D 212 -23.79 -69.44 7.79
N GLU D 213 -24.48 -69.83 8.89
CA GLU D 213 -24.75 -71.22 9.20
C GLU D 213 -25.85 -71.86 8.36
N LYS D 214 -26.68 -71.07 7.65
CA LYS D 214 -27.62 -71.62 6.68
C LYS D 214 -26.96 -72.29 5.48
N HIS D 215 -25.85 -71.75 4.99
CA HIS D 215 -25.28 -72.10 3.70
C HIS D 215 -24.04 -72.98 3.80
N LYS D 216 -23.67 -73.65 2.70
CA LYS D 216 -22.52 -74.55 2.66
C LYS D 216 -21.33 -73.96 1.94
N VAL D 217 -21.47 -73.64 0.64
CA VAL D 217 -20.33 -73.34 -0.22
C VAL D 217 -20.10 -71.86 -0.28
N TYR D 218 -18.88 -71.43 0.07
CA TYR D 218 -18.49 -70.04 0.03
C TYR D 218 -17.38 -69.91 -0.97
N ALA D 219 -17.53 -68.99 -1.95
CA ALA D 219 -16.58 -68.89 -3.03
C ALA D 219 -16.31 -67.45 -3.40
N CYS D 220 -15.04 -67.18 -3.71
CA CYS D 220 -14.55 -65.93 -4.25
C CYS D 220 -14.08 -66.23 -5.66
N GLU D 221 -14.63 -65.51 -6.66
CA GLU D 221 -14.27 -65.64 -8.05
C GLU D 221 -13.56 -64.39 -8.50
N VAL D 222 -12.37 -64.55 -9.10
CA VAL D 222 -11.53 -63.44 -9.48
C VAL D 222 -11.30 -63.43 -10.97
N THR D 223 -11.73 -62.35 -11.63
CA THR D 223 -11.46 -62.10 -13.04
C THR D 223 -10.44 -60.99 -13.13
N HIS D 224 -9.34 -61.19 -13.87
CA HIS D 224 -8.30 -60.20 -14.04
C HIS D 224 -7.65 -60.44 -15.38
N GLN D 225 -7.02 -59.42 -15.97
CA GLN D 225 -6.40 -59.50 -17.28
C GLN D 225 -5.29 -60.55 -17.38
N GLY D 226 -4.51 -60.75 -16.29
CA GLY D 226 -3.42 -61.71 -16.27
C GLY D 226 -3.82 -63.14 -16.05
N LEU D 227 -5.12 -63.40 -15.81
CA LEU D 227 -5.63 -64.75 -15.64
C LEU D 227 -6.27 -65.19 -16.95
N SER D 228 -5.90 -66.39 -17.44
CA SER D 228 -6.41 -66.94 -18.69
C SER D 228 -7.91 -67.23 -18.68
N SER D 229 -8.45 -67.56 -17.49
CA SER D 229 -9.86 -67.66 -17.24
C SER D 229 -10.05 -67.36 -15.76
N PRO D 230 -11.24 -66.99 -15.27
CA PRO D 230 -11.46 -66.66 -13.87
C PRO D 230 -10.99 -67.68 -12.84
N VAL D 231 -10.39 -67.22 -11.74
CA VAL D 231 -9.91 -68.10 -10.69
C VAL D 231 -10.88 -68.11 -9.54
N THR D 232 -11.37 -69.31 -9.18
CA THR D 232 -12.26 -69.48 -8.04
C THR D 232 -11.51 -70.07 -6.87
N LYS D 233 -11.63 -69.45 -5.69
CA LYS D 233 -11.18 -70.03 -4.44
C LYS D 233 -12.39 -70.19 -3.54
N SER D 234 -12.54 -71.37 -2.91
CA SER D 234 -13.76 -71.69 -2.20
C SER D 234 -13.49 -72.58 -1.02
N PHE D 235 -14.49 -72.69 -0.13
CA PHE D 235 -14.48 -73.66 0.94
C PHE D 235 -15.91 -74.07 1.23
N ASN D 236 -16.09 -75.23 1.88
CA ASN D 236 -17.36 -75.64 2.43
C ASN D 236 -17.34 -75.34 3.91
N ARG D 237 -18.39 -74.71 4.45
CA ARG D 237 -18.51 -74.46 5.87
C ARG D 237 -18.55 -75.74 6.70
N GLY D 238 -17.66 -75.84 7.71
CA GLY D 238 -17.61 -76.97 8.63
C GLY D 238 -16.64 -78.06 8.24
N GLU D 239 -15.95 -77.91 7.10
CA GLU D 239 -14.86 -78.78 6.72
C GLU D 239 -13.51 -78.27 7.21
N CYS D 240 -12.44 -79.03 6.96
CA CYS D 240 -11.08 -78.72 7.39
C CYS D 240 -10.12 -79.24 6.29
N LEU E 21 -1.08 19.70 16.99
CA LEU E 21 0.06 19.19 16.16
C LEU E 21 1.31 19.67 16.82
N GLN E 22 2.36 18.84 16.94
CA GLN E 22 3.63 19.27 17.49
C GLN E 22 4.68 18.65 16.59
N LEU E 23 5.69 19.44 16.17
CA LEU E 23 6.83 18.99 15.40
C LEU E 23 8.05 19.42 16.17
N VAL E 24 8.99 18.51 16.44
CA VAL E 24 10.19 18.82 17.19
C VAL E 24 11.40 18.43 16.37
N GLU E 25 12.19 19.41 15.90
CA GLU E 25 13.48 19.17 15.27
C GLU E 25 14.59 18.88 16.24
N SER E 26 15.57 18.06 15.81
CA SER E 26 16.73 17.76 16.60
C SER E 26 17.87 17.36 15.70
N GLY E 27 19.09 17.24 16.25
CA GLY E 27 20.27 16.77 15.53
C GLY E 27 21.13 17.85 14.92
N GLY E 28 20.74 19.13 15.08
CA GLY E 28 21.59 20.26 14.71
C GLY E 28 22.68 20.51 15.71
N GLY E 29 23.67 21.31 15.31
CA GLY E 29 24.77 21.63 16.16
C GLY E 29 25.88 22.19 15.34
N LEU E 30 27.07 22.26 15.96
CA LEU E 30 28.28 22.73 15.35
C LEU E 30 29.01 21.60 14.67
N VAL E 31 29.40 21.83 13.42
CA VAL E 31 30.02 20.81 12.62
C VAL E 31 31.11 21.45 11.78
N GLN E 32 32.25 20.75 11.54
CA GLN E 32 33.32 21.23 10.66
C GLN E 32 32.84 21.38 9.20
N PRO E 33 33.38 22.28 8.37
CA PRO E 33 33.26 22.24 6.92
C PRO E 33 33.59 20.88 6.30
N GLY E 34 32.76 20.39 5.36
CA GLY E 34 32.94 19.11 4.67
C GLY E 34 32.39 17.91 5.41
N ARG E 35 31.82 18.11 6.60
CA ARG E 35 31.26 17.04 7.39
C ARG E 35 29.79 16.84 7.09
N SER E 36 29.16 15.99 7.92
CA SER E 36 27.82 15.52 7.74
C SER E 36 27.08 15.60 9.04
N LEU E 37 25.75 15.73 8.95
CA LEU E 37 24.83 15.65 10.06
C LEU E 37 23.59 14.92 9.58
N LYS E 38 22.75 14.48 10.53
CA LYS E 38 21.41 14.00 10.25
C LYS E 38 20.45 14.69 11.18
N LEU E 39 19.50 15.47 10.64
CA LEU E 39 18.43 16.06 11.40
C LEU E 39 17.27 15.12 11.48
N SER E 40 16.53 15.21 12.59
CA SER E 40 15.33 14.43 12.82
C SER E 40 14.23 15.40 13.17
N CYS E 41 12.99 15.10 12.80
CA CYS E 41 11.81 15.84 13.17
C CYS E 41 10.78 14.84 13.62
N SER E 42 10.39 14.87 14.91
CA SER E 42 9.40 13.96 15.47
C SER E 42 8.07 14.65 15.46
N ALA E 43 7.06 13.80 15.20
CA ALA E 43 5.76 14.41 14.94
C ALA E 43 4.55 13.77 15.60
N SER E 44 3.99 12.74 14.97
CA SER E 44 2.67 12.26 15.41
C SER E 44 1.81 13.50 15.20
N GLY E 45 1.08 13.97 16.21
CA GLY E 45 0.34 15.25 16.08
C GLY E 45 -0.74 15.30 15.01
N PHE E 46 -0.62 14.53 13.91
CA PHE E 46 -1.59 14.60 12.80
C PHE E 46 -1.69 13.25 12.09
N ILE E 47 -1.32 13.24 10.81
CA ILE E 47 -1.34 11.99 10.01
C ILE E 47 -0.01 11.98 9.28
N PHE E 48 1.09 11.73 9.98
CA PHE E 48 2.44 11.84 9.37
C PHE E 48 2.45 11.19 7.99
N SER E 49 2.59 9.86 7.95
CA SER E 49 2.66 9.14 6.66
C SER E 49 1.48 9.50 5.76
N ASN E 50 0.43 10.10 6.34
CA ASN E 50 -0.74 10.53 5.53
C ASN E 50 -0.63 12.02 5.22
N SER E 51 0.57 12.48 4.87
CA SER E 51 0.75 13.90 4.48
C SER E 51 2.13 14.12 3.92
N TYR E 52 2.32 15.22 3.21
CA TYR E 52 3.71 15.48 2.80
C TYR E 52 4.41 16.13 3.99
N MET E 53 5.71 16.38 3.90
CA MET E 53 6.51 16.96 4.96
C MET E 53 7.70 17.64 4.33
N ALA E 54 8.00 18.87 4.78
CA ALA E 54 9.01 19.74 4.21
C ALA E 54 10.11 20.07 5.19
N TRP E 55 11.29 20.42 4.67
CA TRP E 55 12.36 21.07 5.38
C TRP E 55 12.54 22.44 4.75
N VAL E 56 12.78 23.47 5.56
CA VAL E 56 12.99 24.85 5.15
C VAL E 56 14.07 25.38 6.08
N ARG E 57 14.97 26.26 5.60
CA ARG E 57 16.00 26.82 6.44
C ARG E 57 15.97 28.33 6.39
N GLN E 58 16.67 28.95 7.34
CA GLN E 58 16.77 30.38 7.43
C GLN E 58 18.07 30.72 8.14
N ALA E 59 18.98 31.49 7.50
CA ALA E 59 20.07 32.12 8.24
C ALA E 59 19.47 33.09 9.26
N PRO E 60 19.87 33.19 10.54
CA PRO E 60 19.39 34.21 11.47
C PRO E 60 19.48 35.61 10.88
N LYS E 61 18.38 36.40 10.98
CA LYS E 61 18.26 37.76 10.43
C LYS E 61 17.97 37.80 8.93
N LYS E 62 17.80 36.65 8.24
CA LYS E 62 17.58 36.60 6.81
C LYS E 62 16.31 35.86 6.47
N GLY E 63 16.09 35.60 5.16
CA GLY E 63 14.84 35.06 4.65
C GLY E 63 14.74 33.56 4.75
N LEU E 64 13.54 33.05 4.46
CA LEU E 64 13.25 31.63 4.39
C LEU E 64 13.68 31.04 3.06
N GLU E 65 14.39 29.91 3.08
CA GLU E 65 14.81 29.20 1.90
C GLU E 65 14.27 27.79 1.99
N TRP E 66 13.38 27.37 1.05
CA TRP E 66 12.85 26.03 0.99
C TRP E 66 13.95 24.97 0.74
N VAL E 67 13.89 23.83 1.47
CA VAL E 67 15.03 22.86 1.39
C VAL E 67 14.65 21.41 1.02
N ALA E 68 13.53 20.85 1.51
CA ALA E 68 13.30 19.42 1.16
C ALA E 68 11.83 19.00 0.99
N THR E 69 11.58 17.97 0.17
CA THR E 69 10.21 17.41 -0.01
C THR E 69 10.29 15.87 0.10
N ILE E 70 9.42 15.23 0.89
CA ILE E 70 9.40 13.74 0.92
C ILE E 70 7.98 13.23 0.62
N ASN E 71 7.86 12.25 -0.27
CA ASN E 71 6.53 11.68 -0.64
C ASN E 71 5.92 11.06 0.63
N PRO E 72 4.59 11.09 0.85
CA PRO E 72 4.02 10.55 2.08
C PRO E 72 4.41 9.07 2.16
N SER E 73 4.37 8.37 1.02
CA SER E 73 4.86 6.97 0.98
C SER E 73 6.37 6.96 1.25
N GLY E 74 7.10 7.97 0.76
CA GLY E 74 8.57 7.98 0.88
C GLY E 74 9.20 7.46 -0.40
N SER E 75 8.37 7.14 -1.38
CA SER E 75 8.86 6.61 -2.68
C SER E 75 9.71 7.64 -3.43
N ARG E 76 9.31 8.92 -3.44
CA ARG E 76 10.06 9.91 -4.26
C ARG E 76 10.57 11.07 -3.41
N THR E 77 11.73 11.64 -3.79
CA THR E 77 12.32 12.78 -3.04
C THR E 77 12.46 13.97 -3.99
N TYR E 78 12.05 15.17 -3.55
CA TYR E 78 12.20 16.38 -4.39
C TYR E 78 13.12 17.37 -3.66
N TYR E 79 14.08 17.95 -4.38
CA TYR E 79 15.08 18.86 -3.74
C TYR E 79 15.15 20.17 -4.51
N PRO E 80 15.64 21.28 -3.91
CA PRO E 80 15.79 22.54 -4.64
C PRO E 80 17.07 22.45 -5.47
N ASP E 81 18.11 23.20 -5.12
CA ASP E 81 19.33 23.19 -5.98
C ASP E 81 20.62 23.23 -5.15
N SER E 82 20.96 24.35 -4.50
CA SER E 82 22.23 24.43 -3.77
C SER E 82 22.56 23.22 -2.90
N VAL E 83 21.58 22.34 -2.59
CA VAL E 83 21.84 21.17 -1.75
C VAL E 83 21.56 19.86 -2.49
N LYS E 84 21.05 19.91 -3.74
CA LYS E 84 20.83 18.69 -4.52
C LYS E 84 22.13 17.91 -4.74
N GLY E 85 22.13 16.60 -4.39
CA GLY E 85 23.33 15.76 -4.46
C GLY E 85 24.09 15.69 -3.17
N ARG E 86 23.74 16.61 -2.25
CA ARG E 86 24.48 16.69 -0.95
C ARG E 86 23.53 16.35 0.19
N PHE E 87 22.26 16.73 0.09
CA PHE E 87 21.34 16.50 1.23
C PHE E 87 20.45 15.30 0.92
N THR E 88 19.54 14.95 1.82
CA THR E 88 18.65 13.77 1.63
C THR E 88 17.45 13.92 2.55
N ILE E 89 16.25 13.55 2.08
CA ILE E 89 15.06 13.57 2.98
C ILE E 89 14.35 12.21 2.90
N SER E 90 13.96 11.65 4.04
CA SER E 90 13.20 10.36 4.05
C SER E 90 12.33 10.28 5.30
N ARG E 91 11.41 9.32 5.37
CA ARG E 91 10.49 9.25 6.52
C ARG E 91 10.48 7.84 7.11
N ASP E 92 10.15 7.71 8.40
CA ASP E 92 10.02 6.37 9.04
C ASP E 92 8.84 6.44 9.99
N THR E 93 7.71 5.81 9.63
CA THR E 93 6.47 5.91 10.45
C THR E 93 6.76 5.53 11.90
N ALA E 94 7.74 4.64 12.12
CA ALA E 94 8.09 4.17 13.48
C ALA E 94 7.83 5.26 14.52
N LYS E 95 8.46 6.43 14.37
CA LYS E 95 8.31 7.51 15.36
C LYS E 95 8.02 8.83 14.64
N SER E 96 7.42 8.74 13.45
CA SER E 96 7.06 9.96 12.68
C SER E 96 8.29 10.86 12.56
N SER E 97 9.42 10.31 12.10
CA SER E 97 10.67 11.11 12.03
C SER E 97 11.06 11.39 10.58
N LEU E 98 11.66 12.55 10.34
CA LEU E 98 12.14 12.86 8.98
C LEU E 98 13.63 12.52 8.94
N TYR E 99 14.25 12.59 7.76
CA TYR E 99 15.67 12.16 7.66
C TYR E 99 16.47 13.11 6.77
N LEU E 100 16.97 14.21 7.34
CA LEU E 100 17.81 15.17 6.57
C LEU E 100 19.28 14.73 6.68
N GLN E 101 19.70 13.77 5.85
CA GLN E 101 21.14 13.35 5.84
C GLN E 101 21.92 14.39 5.08
N MET E 102 22.46 15.39 5.78
CA MET E 102 23.13 16.48 5.15
C MET E 102 24.60 16.14 5.05
N ASN E 103 25.20 16.10 3.85
CA ASN E 103 26.58 15.74 3.63
C ASN E 103 27.35 16.89 3.01
N SER E 104 28.70 16.90 3.17
CA SER E 104 29.62 17.83 2.53
C SER E 104 29.27 19.28 2.81
N LEU E 105 28.99 19.56 4.10
CA LEU E 105 28.46 20.84 4.54
C LEU E 105 29.40 22.00 4.34
N LYS E 106 28.85 23.17 3.99
CA LYS E 106 29.66 24.35 3.76
C LYS E 106 29.12 25.46 4.65
N SER E 107 29.85 26.57 4.75
CA SER E 107 29.52 27.73 5.58
C SER E 107 28.15 28.34 5.24
N GLU E 108 27.73 28.27 3.96
CA GLU E 108 26.45 28.73 3.45
C GLU E 108 25.27 27.84 3.87
N ASP E 109 25.53 26.61 4.39
CA ASP E 109 24.51 25.73 4.90
C ASP E 109 24.25 26.06 6.38
N THR E 110 25.03 26.96 7.03
CA THR E 110 24.72 27.47 8.38
C THR E 110 23.40 28.20 8.45
N ALA E 111 22.46 27.72 9.28
CA ALA E 111 21.11 28.20 9.32
C ALA E 111 20.31 27.48 10.40
N THR E 112 19.15 28.05 10.78
CA THR E 112 18.08 27.37 11.50
C THR E 112 17.33 26.51 10.51
N TYR E 113 17.15 25.20 10.77
CA TYR E 113 16.45 24.30 9.88
C TYR E 113 15.15 23.90 10.57
N TYR E 114 14.03 24.10 9.87
CA TYR E 114 12.68 23.87 10.32
C TYR E 114 12.11 22.72 9.53
N CYS E 115 11.33 21.85 10.19
CA CYS E 115 10.45 20.92 9.51
C CYS E 115 9.05 21.49 9.53
N ALA E 116 8.25 20.94 8.62
CA ALA E 116 6.82 21.31 8.53
C ALA E 116 6.17 20.37 7.51
N ARG E 117 4.92 20.63 7.09
CA ARG E 117 4.21 19.71 6.17
C ARG E 117 3.63 20.45 4.95
N HIS E 118 4.12 20.16 3.72
CA HIS E 118 3.58 20.81 2.48
C HIS E 118 2.07 20.60 2.37
N ASP E 119 1.53 19.54 2.98
CA ASP E 119 0.05 19.29 2.98
C ASP E 119 -0.75 20.57 2.75
N LEU E 120 -1.37 20.73 1.57
CA LEU E 120 -2.21 21.92 1.21
C LEU E 120 -1.31 23.15 1.13
N SER E 121 -0.42 23.35 2.12
CA SER E 121 0.57 24.45 2.13
C SER E 121 1.15 24.59 3.53
N PHE E 122 2.36 24.06 3.77
CA PHE E 122 3.05 24.15 5.08
C PHE E 122 2.06 24.39 6.21
N ASP E 123 1.37 23.32 6.63
CA ASP E 123 0.34 23.44 7.68
C ASP E 123 1.00 23.85 9.00
N TYR E 124 1.77 22.97 9.62
CA TYR E 124 2.35 23.31 10.95
C TYR E 124 3.88 23.28 10.86
N TRP E 125 4.56 23.94 11.79
CA TRP E 125 6.04 24.04 11.73
C TRP E 125 6.64 23.77 13.11
N GLY E 126 7.92 23.37 13.18
CA GLY E 126 8.62 23.21 14.45
C GLY E 126 9.32 24.48 14.90
N GLN E 127 10.06 24.40 16.02
CA GLN E 127 10.81 25.54 16.54
C GLN E 127 12.13 25.72 15.82
N GLY E 128 12.59 24.69 15.10
CA GLY E 128 13.81 24.73 14.33
C GLY E 128 15.02 24.31 15.11
N VAL E 129 16.00 23.74 14.40
CA VAL E 129 17.25 23.35 14.99
C VAL E 129 18.38 24.08 14.28
N MET E 130 19.32 24.67 15.02
CA MET E 130 20.40 25.43 14.43
C MET E 130 21.54 24.53 14.00
N VAL E 131 21.97 24.65 12.74
CA VAL E 131 23.16 24.01 12.20
C VAL E 131 24.18 25.10 11.99
N THR E 132 25.40 24.90 12.52
CA THR E 132 26.50 25.85 12.37
C THR E 132 27.66 25.13 11.74
N VAL E 133 27.91 25.51 10.49
CA VAL E 133 29.06 24.93 9.75
C VAL E 133 30.11 26.03 9.70
N SER E 134 31.02 26.03 10.68
CA SER E 134 32.01 27.14 10.75
C SER E 134 33.41 26.57 10.78
N SER E 135 34.39 27.38 10.38
CA SER E 135 35.80 26.95 10.48
C SER E 135 36.31 27.31 11.88
N ALA E 136 36.54 28.61 12.13
CA ALA E 136 37.05 29.06 13.45
C ALA E 136 36.32 28.30 14.55
N SER E 137 37.09 27.65 15.43
CA SER E 137 36.47 26.81 16.49
C SER E 137 36.30 27.61 17.78
N THR E 138 36.14 26.91 18.91
CA THR E 138 35.88 27.59 20.19
C THR E 138 36.95 28.65 20.47
N LYS E 139 36.53 29.83 20.93
CA LYS E 139 37.44 30.88 21.28
C LYS E 139 36.76 31.77 22.29
N GLY E 140 37.45 32.14 23.39
CA GLY E 140 36.96 33.12 24.34
C GLY E 140 37.13 34.56 23.89
N PRO E 141 36.29 35.46 24.36
CA PRO E 141 36.35 36.86 23.98
C PRO E 141 37.38 37.61 24.78
N SER E 142 37.77 38.78 24.26
CA SER E 142 38.45 39.81 25.02
C SER E 142 37.39 40.82 25.41
N VAL E 143 37.50 41.44 26.60
CA VAL E 143 36.54 42.41 27.11
C VAL E 143 37.22 43.77 27.22
N PHE E 144 36.73 44.77 26.46
CA PHE E 144 37.31 46.09 26.38
C PHE E 144 36.35 47.12 26.97
N PRO E 145 36.80 48.16 27.67
CA PRO E 145 35.91 49.19 28.18
C PRO E 145 35.40 50.12 27.08
N LEU E 146 34.11 50.49 27.13
CA LEU E 146 33.60 51.64 26.41
C LEU E 146 33.51 52.70 27.48
N ALA E 147 34.51 53.59 27.55
CA ALA E 147 34.67 54.45 28.69
C ALA E 147 33.76 55.68 28.61
N PRO E 148 33.12 56.13 29.69
CA PRO E 148 32.32 57.34 29.69
C PRO E 148 33.22 58.54 29.49
N SER E 149 32.71 59.54 28.74
CA SER E 149 33.43 60.77 28.46
C SER E 149 33.86 61.46 29.76
N SER E 150 35.17 61.72 29.92
CA SER E 150 35.79 62.39 31.05
C SER E 150 35.33 63.81 31.21
N LYS E 151 34.99 64.46 30.06
CA LYS E 151 34.66 65.85 29.94
C LYS E 151 33.16 66.10 30.08
N SER E 152 32.35 65.04 30.29
CA SER E 152 30.93 65.12 30.63
C SER E 152 30.54 66.20 31.61
N THR E 153 29.54 67.01 31.21
CA THR E 153 29.06 68.12 32.00
C THR E 153 28.20 67.56 33.11
N SER E 154 28.53 67.83 34.39
CA SER E 154 27.76 67.36 35.54
C SER E 154 26.32 67.89 35.54
N GLY E 155 25.35 66.96 35.59
CA GLY E 155 23.92 67.25 35.68
C GLY E 155 23.18 66.62 34.54
N GLY E 156 23.92 66.05 33.57
CA GLY E 156 23.36 65.31 32.46
C GLY E 156 23.51 63.82 32.63
N THR E 157 23.51 63.12 31.48
CA THR E 157 23.54 61.67 31.39
C THR E 157 24.83 61.30 30.69
N ALA E 158 25.53 60.27 31.20
CA ALA E 158 26.71 59.71 30.60
C ALA E 158 26.40 58.28 30.20
N ALA E 159 27.11 57.74 29.20
CA ALA E 159 26.98 56.36 28.77
C ALA E 159 28.33 55.70 28.89
N LEU E 160 28.33 54.41 29.25
CA LEU E 160 29.52 53.61 29.39
C LEU E 160 29.16 52.19 29.02
N GLY E 161 30.16 51.31 28.87
CA GLY E 161 29.83 49.96 28.49
C GLY E 161 31.01 49.06 28.44
N CYS E 162 30.78 47.85 27.93
CA CYS E 162 31.78 46.84 27.69
C CYS E 162 31.60 46.29 26.30
N LEU E 163 32.70 46.17 25.56
CA LEU E 163 32.78 45.53 24.27
C LEU E 163 33.34 44.13 24.49
N VAL E 164 32.55 43.09 24.18
CA VAL E 164 32.91 41.70 24.31
C VAL E 164 33.19 41.19 22.92
N LYS E 165 34.47 41.05 22.56
CA LYS E 165 34.88 40.90 21.18
C LYS E 165 35.60 39.59 20.92
N ASP E 166 35.26 38.94 19.78
CA ASP E 166 36.00 37.88 19.14
C ASP E 166 35.79 36.54 19.83
N TYR E 167 34.54 36.05 19.90
CA TYR E 167 34.26 34.78 20.53
C TYR E 167 33.51 33.83 19.62
N PHE E 168 33.60 32.53 19.92
CA PHE E 168 32.84 31.53 19.24
C PHE E 168 32.72 30.33 20.18
N PRO E 169 31.67 29.51 20.13
CA PRO E 169 30.35 29.82 19.57
C PRO E 169 29.61 30.82 20.44
N GLU E 170 28.36 31.16 20.10
CA GLU E 170 27.43 31.77 21.04
C GLU E 170 27.07 30.83 22.22
N PRO E 171 26.69 31.27 23.40
CA PRO E 171 26.32 32.65 23.69
C PRO E 171 27.25 33.19 24.74
N VAL E 172 27.19 34.50 24.97
CA VAL E 172 27.85 35.15 26.06
C VAL E 172 26.77 35.81 26.87
N THR E 173 26.94 35.91 28.20
CA THR E 173 26.03 36.62 29.09
C THR E 173 26.75 37.80 29.66
N VAL E 174 26.02 38.91 29.86
CA VAL E 174 26.56 40.13 30.43
C VAL E 174 25.58 40.62 31.48
N SER E 175 26.06 40.91 32.70
CA SER E 175 25.30 41.60 33.73
C SER E 175 26.13 42.78 34.19
N TRP E 176 25.54 43.73 34.94
CA TRP E 176 26.23 44.89 35.46
C TRP E 176 26.07 44.91 36.96
N ASN E 177 27.19 45.04 37.68
CA ASN E 177 27.28 45.06 39.14
C ASN E 177 26.60 43.84 39.77
N SER E 178 26.83 42.65 39.18
CA SER E 178 26.26 41.37 39.61
C SER E 178 24.75 41.30 39.53
N GLY E 179 24.14 42.08 38.60
CA GLY E 179 22.69 42.14 38.42
C GLY E 179 22.02 43.20 39.26
N ALA E 180 22.76 43.97 40.07
CA ALA E 180 22.19 45.05 40.86
C ALA E 180 21.89 46.30 40.04
N LEU E 181 22.51 46.44 38.84
CA LEU E 181 22.26 47.53 37.93
C LEU E 181 21.59 46.97 36.69
N THR E 182 20.32 47.35 36.46
CA THR E 182 19.52 46.87 35.34
C THR E 182 18.83 47.98 34.59
N SER E 183 18.51 49.12 35.24
CA SER E 183 17.87 50.24 34.55
C SER E 183 18.86 50.98 33.67
N GLY E 184 18.45 51.30 32.42
CA GLY E 184 19.31 51.98 31.45
C GLY E 184 20.30 51.08 30.75
N VAL E 185 20.30 49.76 31.07
CA VAL E 185 21.16 48.77 30.46
C VAL E 185 20.60 48.34 29.13
N HIS E 186 21.42 48.40 28.06
CA HIS E 186 21.11 47.80 26.78
C HIS E 186 22.24 46.87 26.40
N THR E 187 21.96 45.56 26.36
CA THR E 187 22.90 44.55 25.90
C THR E 187 22.48 44.18 24.51
N PHE E 188 23.30 44.53 23.50
CA PHE E 188 22.93 44.41 22.10
C PHE E 188 22.96 42.94 21.64
N PRO E 189 22.14 42.50 20.69
CA PRO E 189 22.38 41.28 19.92
C PRO E 189 23.80 41.11 19.40
N ALA E 190 24.40 39.91 19.52
CA ALA E 190 25.66 39.62 18.92
C ALA E 190 25.66 39.74 17.40
N VAL E 191 26.80 40.19 16.85
CA VAL E 191 26.99 40.31 15.43
C VAL E 191 28.09 39.37 15.06
N LEU E 192 27.84 38.57 14.00
CA LEU E 192 28.85 37.74 13.40
C LEU E 192 29.73 38.59 12.52
N GLN E 193 31.04 38.64 12.81
CA GLN E 193 32.01 39.38 12.03
C GLN E 193 32.46 38.54 10.84
N SER E 194 33.15 39.17 9.87
CA SER E 194 33.61 38.48 8.66
C SER E 194 34.74 37.49 8.92
N SER E 195 35.35 37.57 10.13
CA SER E 195 36.32 36.64 10.69
C SER E 195 35.69 35.30 11.10
N GLY E 196 34.34 35.24 11.20
CA GLY E 196 33.62 34.07 11.71
C GLY E 196 33.46 34.09 13.21
N LEU E 197 33.88 35.17 13.87
CA LEU E 197 33.79 35.34 15.30
C LEU E 197 32.71 36.33 15.65
N TYR E 198 32.03 36.12 16.78
CA TYR E 198 30.99 37.00 17.26
C TYR E 198 31.59 38.13 18.08
N SER E 199 30.86 39.25 18.16
CA SER E 199 31.22 40.37 18.98
C SER E 199 29.92 40.99 19.44
N LEU E 200 29.86 41.48 20.69
CA LEU E 200 28.70 42.19 21.17
C LEU E 200 29.10 43.28 22.13
N SER E 201 28.24 44.29 22.30
CA SER E 201 28.45 45.39 23.23
C SER E 201 27.31 45.42 24.20
N SER E 202 27.61 45.80 25.44
CA SER E 202 26.64 46.07 26.48
C SER E 202 26.94 47.45 26.99
N VAL E 203 25.91 48.29 27.12
CA VAL E 203 26.04 49.67 27.53
C VAL E 203 25.04 49.94 28.62
N VAL E 204 25.28 51.01 29.39
CA VAL E 204 24.35 51.51 30.35
C VAL E 204 24.50 53.01 30.41
N THR E 205 23.37 53.73 30.56
CA THR E 205 23.32 55.17 30.73
C THR E 205 23.10 55.49 32.18
N VAL E 206 23.92 56.39 32.73
CA VAL E 206 23.95 56.65 34.16
C VAL E 206 23.99 58.16 34.38
N PRO E 207 23.61 58.73 35.52
CA PRO E 207 23.88 60.12 35.86
C PRO E 207 25.35 60.50 35.77
N SER E 208 25.72 61.61 35.09
CA SER E 208 27.13 62.02 34.99
C SER E 208 27.78 62.35 36.33
N SER E 209 26.96 62.77 37.31
CA SER E 209 27.37 63.07 38.68
C SER E 209 27.77 61.83 39.47
N SER E 210 27.40 60.60 39.01
CA SER E 210 27.75 59.36 39.68
C SER E 210 29.11 58.84 39.26
N LEU E 211 29.73 59.40 38.19
CA LEU E 211 30.94 58.87 37.56
C LEU E 211 32.16 58.84 38.46
N GLY E 212 32.25 59.78 39.43
CA GLY E 212 33.35 59.77 40.39
C GLY E 212 33.18 58.84 41.56
N THR E 213 31.96 58.34 41.83
CA THR E 213 31.66 57.71 43.12
C THR E 213 31.01 56.35 43.01
N GLN E 214 30.27 56.05 41.93
CA GLN E 214 29.67 54.75 41.75
C GLN E 214 30.57 53.90 40.88
N THR E 215 30.92 52.69 41.34
CA THR E 215 31.65 51.73 40.54
C THR E 215 30.73 51.05 39.54
N TYR E 216 31.21 50.81 38.31
CA TYR E 216 30.46 50.14 37.28
C TYR E 216 31.32 49.01 36.78
N ILE E 217 30.86 47.76 36.97
CA ILE E 217 31.56 46.56 36.56
C ILE E 217 30.62 45.76 35.70
N CYS E 218 31.04 45.38 34.48
CA CYS E 218 30.31 44.42 33.67
C CYS E 218 30.85 43.04 33.95
N ASN E 219 29.95 42.06 34.17
CA ASN E 219 30.29 40.70 34.49
C ASN E 219 29.99 39.89 33.25
N VAL E 220 31.02 39.32 32.61
CA VAL E 220 30.92 38.66 31.33
C VAL E 220 31.22 37.18 31.54
N ASN E 221 30.35 36.29 31.03
CA ASN E 221 30.62 34.87 31.05
C ASN E 221 30.39 34.27 29.67
N HIS E 222 31.46 33.71 29.08
CA HIS E 222 31.41 32.91 27.89
C HIS E 222 31.66 31.50 28.37
N LYS E 223 30.59 30.82 28.82
CA LYS E 223 30.63 29.43 29.26
C LYS E 223 31.14 28.43 28.24
N PRO E 224 30.90 28.47 26.91
CA PRO E 224 31.51 27.55 25.95
C PRO E 224 33.03 27.48 25.96
N SER E 225 33.77 28.56 26.35
CA SER E 225 35.22 28.55 26.40
C SER E 225 35.78 28.52 27.80
N ASN E 226 34.89 28.54 28.83
CA ASN E 226 35.26 28.67 30.24
C ASN E 226 35.85 30.05 30.59
N THR E 227 35.34 31.13 29.97
CA THR E 227 35.93 32.46 30.12
C THR E 227 34.98 33.34 30.89
N LYS E 228 35.45 33.80 32.05
CA LYS E 228 34.68 34.58 32.97
C LYS E 228 35.48 35.82 33.33
N VAL E 229 34.92 37.03 33.14
CA VAL E 229 35.65 38.28 33.27
C VAL E 229 34.76 39.29 33.97
N ASP E 230 35.30 40.00 34.98
CA ASP E 230 34.67 41.17 35.55
C ASP E 230 35.47 42.37 35.08
N LYS E 231 34.83 43.34 34.39
CA LYS E 231 35.53 44.50 33.89
C LYS E 231 34.98 45.77 34.50
N ARG E 232 35.79 46.44 35.34
CA ARG E 232 35.52 47.78 35.82
C ARG E 232 35.69 48.81 34.70
N VAL E 233 34.68 49.68 34.51
CA VAL E 233 34.67 50.68 33.48
C VAL E 233 34.53 52.03 34.14
N GLU E 234 35.43 52.98 33.82
CA GLU E 234 35.39 54.30 34.41
C GLU E 234 35.95 55.31 33.42
N PRO E 235 35.79 56.64 33.61
CA PRO E 235 36.40 57.67 32.78
C PRO E 235 37.88 57.49 32.51
N LYS E 236 38.32 57.55 31.25
CA LYS E 236 39.73 57.55 30.97
C LYS E 236 40.41 58.84 31.45
N SER E 237 41.64 58.73 31.98
CA SER E 237 42.43 59.83 32.49
C SER E 237 43.65 60.03 31.59
N CYS E 238 44.63 60.81 32.07
CA CYS E 238 45.76 61.29 31.32
C CYS E 238 46.96 61.25 32.29
N GLN F 20 13.03 26.77 -14.09
CA GLN F 20 12.83 28.24 -14.05
C GLN F 20 12.42 28.65 -12.64
N PHE F 21 13.22 29.48 -11.98
CA PHE F 21 12.94 29.83 -10.57
C PHE F 21 12.97 31.36 -10.38
N THR F 22 11.90 31.96 -9.84
CA THR F 22 11.97 33.42 -9.57
C THR F 22 10.93 33.91 -8.56
N LEU F 23 11.22 34.94 -7.76
CA LEU F 23 10.18 35.54 -6.85
C LEU F 23 10.75 36.81 -6.22
N THR F 24 9.95 37.88 -6.17
CA THR F 24 10.46 39.19 -5.64
C THR F 24 9.43 39.83 -4.69
N GLN F 25 9.91 40.56 -3.68
CA GLN F 25 9.02 41.25 -2.72
C GLN F 25 9.64 42.62 -2.44
N PRO F 26 8.88 43.65 -2.02
CA PRO F 26 9.48 44.88 -1.52
C PRO F 26 10.27 44.61 -0.23
N LYS F 27 11.36 45.33 0.01
CA LYS F 27 12.18 45.02 1.20
C LYS F 27 11.33 45.26 2.45
N SER F 28 10.58 46.37 2.48
CA SER F 28 9.80 46.70 3.69
C SER F 28 8.60 47.59 3.38
N VAL F 29 7.56 47.54 4.22
CA VAL F 29 6.39 48.45 4.07
C VAL F 29 6.01 48.93 5.49
N SER F 30 5.74 50.23 5.66
CA SER F 30 5.39 50.77 6.99
C SER F 30 4.00 51.40 6.94
N GLY F 31 3.12 51.05 7.88
CA GLY F 31 1.74 51.58 7.86
C GLY F 31 1.24 51.96 9.25
N SER F 32 0.26 52.87 9.30
CA SER F 32 -0.33 53.28 10.60
C SER F 32 -1.26 52.17 11.13
N LEU F 33 -1.54 52.19 12.44
CA LEU F 33 -2.48 51.19 13.03
C LEU F 33 -3.87 51.46 12.46
N ARG F 34 -4.70 50.43 12.37
CA ARG F 34 -6.09 50.58 11.87
C ARG F 34 -6.04 51.16 10.45
N SER F 35 -5.07 50.72 9.64
CA SER F 35 -4.98 51.18 8.24
C SER F 35 -4.80 49.97 7.32
N THR F 36 -5.25 50.08 6.08
CA THR F 36 -5.06 48.98 5.11
C THR F 36 -3.56 48.78 4.85
N ILE F 37 -3.10 47.53 4.83
CA ILE F 37 -1.67 47.23 4.55
C ILE F 37 -1.63 46.36 3.30
N THR F 38 -0.84 46.76 2.31
CA THR F 38 -0.73 45.95 1.07
C THR F 38 0.69 45.45 0.91
N ILE F 39 0.89 44.14 0.85
CA ILE F 39 2.25 43.56 0.64
C ILE F 39 2.23 42.88 -0.73
N PRO F 40 2.90 43.44 -1.76
CA PRO F 40 2.86 42.87 -3.10
C PRO F 40 3.88 41.74 -3.35
N CYS F 41 3.43 40.62 -3.93
CA CYS F 41 4.37 39.54 -4.32
C CYS F 41 4.28 39.47 -5.86
N ASP F 42 5.41 39.56 -6.56
CA ASP F 42 5.38 39.61 -8.05
C ASP F 42 6.01 38.34 -8.61
N ARG F 43 5.46 37.81 -9.71
CA ARG F 43 5.95 36.52 -10.28
C ARG F 43 7.39 36.67 -10.73
N SER F 44 7.83 37.90 -11.01
CA SER F 44 9.21 38.14 -11.49
C SER F 44 9.45 37.38 -12.80
N SER F 45 8.49 37.42 -13.72
CA SER F 45 8.64 36.81 -15.08
C SER F 45 8.44 35.30 -15.07
N GLY F 46 7.97 34.72 -13.97
CA GLY F 46 7.65 33.29 -14.02
C GLY F 46 6.55 33.08 -15.04
N GLY F 47 5.55 33.96 -15.04
CA GLY F 47 4.45 33.90 -16.01
C GLY F 47 3.29 33.05 -15.51
N ILE F 48 3.53 32.26 -14.45
CA ILE F 48 2.44 31.44 -13.84
C ILE F 48 1.82 32.27 -12.72
N ARG F 49 1.01 33.27 -13.09
CA ARG F 49 0.39 34.16 -12.09
C ARG F 49 -0.57 33.38 -11.19
N ASP F 50 -1.32 32.43 -11.74
CA ASP F 50 -2.35 31.77 -10.89
C ASP F 50 -1.91 30.36 -10.45
N SER F 51 -1.74 30.13 -9.14
CA SER F 51 -1.42 28.81 -8.54
C SER F 51 -1.45 29.09 -7.03
N TYR F 52 -1.23 28.13 -6.13
CA TYR F 52 -1.29 28.56 -4.70
C TYR F 52 -0.26 29.67 -4.54
N VAL F 53 -0.61 30.77 -3.90
CA VAL F 53 0.38 31.83 -3.58
C VAL F 53 0.23 32.05 -2.09
N SER F 54 0.76 31.12 -1.29
CA SER F 54 0.56 31.17 0.17
C SER F 54 1.24 32.37 0.81
N TRP F 55 0.67 32.89 1.90
CA TRP F 55 1.31 34.01 2.65
C TRP F 55 1.66 33.51 4.07
N TYR F 56 2.90 33.75 4.53
CA TYR F 56 3.34 33.26 5.86
C TYR F 56 3.82 34.46 6.70
N GLN F 57 3.71 34.37 8.04
CA GLN F 57 4.11 35.51 8.91
C GLN F 57 5.16 35.04 9.92
N GLN F 58 6.28 35.76 10.03
CA GLN F 58 7.36 35.39 10.99
C GLN F 58 7.59 36.53 11.98
N HIS F 59 7.50 36.24 13.28
CA HIS F 59 7.68 37.21 14.35
C HIS F 59 8.88 36.82 15.16
N LEU F 60 9.63 37.79 15.74
CA LEU F 60 10.87 37.55 16.51
C LEU F 60 11.83 36.51 15.89
N GLY F 61 12.26 35.53 16.70
CA GLY F 61 12.95 34.32 16.25
C GLY F 61 12.02 33.13 16.26
N ARG F 62 10.69 33.34 16.17
CA ARG F 62 9.69 32.29 16.13
C ARG F 62 9.59 31.65 14.74
N PRO F 63 9.05 30.44 14.59
CA PRO F 63 8.81 29.85 13.27
C PRO F 63 7.74 30.62 12.48
N PRO F 64 7.75 30.58 11.15
CA PRO F 64 6.65 31.10 10.33
C PRO F 64 5.29 30.52 10.64
N LEU F 65 4.24 31.35 10.58
CA LEU F 65 2.88 30.91 10.75
C LEU F 65 2.18 31.10 9.42
N ASN F 66 1.47 30.06 8.93
CA ASN F 66 0.69 30.13 7.71
C ASN F 66 -0.53 31.01 7.91
N VAL F 67 -0.65 32.07 7.11
CA VAL F 67 -1.75 33.02 7.19
C VAL F 67 -2.74 32.74 6.10
N ILE F 68 -2.28 32.32 4.91
CA ILE F 68 -3.11 31.99 3.77
C ILE F 68 -2.45 30.87 3.01
N TYR F 69 -3.18 29.87 2.55
CA TYR F 69 -2.74 28.91 1.53
C TYR F 69 -3.76 29.06 0.47
N ALA F 70 -3.58 28.57 -0.74
CA ALA F 70 -4.68 28.62 -1.73
C ALA F 70 -5.17 30.03 -2.08
N ASP F 71 -4.33 31.06 -2.02
CA ASP F 71 -4.70 32.42 -2.52
C ASP F 71 -5.63 33.16 -1.57
N ASP F 72 -6.55 32.46 -0.92
CA ASP F 72 -7.45 33.09 0.08
C ASP F 72 -7.74 32.05 1.16
N GLN F 73 -9.01 31.81 1.45
CA GLN F 73 -9.37 30.75 2.42
C GLN F 73 -8.36 30.75 3.58
N ARG F 74 -8.25 31.86 4.29
CA ARG F 74 -7.35 31.94 5.47
C ARG F 74 -7.63 30.74 6.36
N PRO F 75 -6.61 30.01 6.84
CA PRO F 75 -6.83 28.92 7.77
C PRO F 75 -7.45 29.52 9.03
N SER F 76 -7.99 28.66 9.90
CA SER F 76 -8.67 29.17 11.11
C SER F 76 -7.70 29.93 12.02
N GLU F 77 -8.24 30.63 13.02
CA GLU F 77 -7.40 31.40 13.98
C GLU F 77 -6.93 32.71 13.36
N VAL F 78 -6.23 32.67 12.23
CA VAL F 78 -5.71 33.95 11.68
C VAL F 78 -6.90 34.89 11.53
N SER F 79 -6.70 36.17 11.83
CA SER F 79 -7.86 37.08 11.84
C SER F 79 -8.37 37.43 10.45
N ASP F 80 -9.68 37.29 10.23
CA ASP F 80 -10.33 37.76 9.01
C ASP F 80 -9.70 38.99 8.38
N ARG F 81 -9.03 39.84 9.19
CA ARG F 81 -8.35 41.03 8.72
C ARG F 81 -7.23 40.76 7.73
N PHE F 82 -6.67 39.53 7.76
CA PHE F 82 -5.76 39.05 6.75
C PHE F 82 -6.55 38.48 5.58
N SER F 83 -6.37 39.03 4.37
CA SER F 83 -6.98 38.46 3.18
C SER F 83 -6.02 38.53 2.03
N GLY F 84 -6.14 37.56 1.10
CA GLY F 84 -5.25 37.44 -0.03
C GLY F 84 -6.06 37.55 -1.25
N SER F 85 -5.45 37.96 -2.34
CA SER F 85 -6.15 38.06 -3.60
C SER F 85 -5.13 37.93 -4.69
N ILE F 86 -5.54 37.37 -5.84
CA ILE F 86 -4.70 37.24 -7.00
C ILE F 86 -5.40 37.94 -8.14
N ASP F 87 -5.04 39.22 -8.25
CA ASP F 87 -5.69 40.07 -9.27
C ASP F 87 -4.61 40.47 -10.26
N SER F 88 -4.90 41.44 -11.11
CA SER F 88 -3.97 41.87 -12.18
C SER F 88 -3.79 40.71 -13.17
N SER F 89 -3.47 39.50 -12.69
CA SER F 89 -3.15 38.37 -13.59
C SER F 89 -1.96 38.80 -14.46
N SER F 90 -1.41 39.99 -14.18
CA SER F 90 -0.19 40.48 -14.88
C SER F 90 0.94 40.21 -13.89
N ASN F 91 0.86 39.06 -13.21
CA ASN F 91 1.84 38.70 -12.16
C ASN F 91 1.61 39.67 -11.00
N SER F 92 0.87 39.26 -9.96
CA SER F 92 0.52 40.23 -8.89
C SER F 92 -0.27 39.71 -7.70
N ALA F 93 0.07 38.58 -7.09
CA ALA F 93 -0.61 38.25 -5.85
C ALA F 93 -0.46 39.36 -4.84
N SER F 94 -1.38 39.48 -3.89
CA SER F 94 -1.22 40.45 -2.82
C SER F 94 -1.82 39.96 -1.53
N LEU F 95 -1.16 40.31 -0.41
CA LEU F 95 -1.66 40.11 0.94
C LEU F 95 -2.10 41.46 1.45
N THR F 96 -3.37 41.53 1.88
CA THR F 96 -3.99 42.72 2.41
C THR F 96 -4.22 42.48 3.87
N ILE F 97 -3.76 43.41 4.72
CA ILE F 97 -4.12 43.42 6.14
C ILE F 97 -4.95 44.65 6.34
N THR F 98 -6.26 44.49 6.57
CA THR F 98 -7.15 45.61 6.87
C THR F 98 -7.11 45.86 8.35
N ASN F 99 -7.33 47.12 8.82
CA ASN F 99 -7.42 47.43 10.24
C ASN F 99 -6.19 46.95 11.03
N LEU F 100 -4.98 47.40 10.63
CA LEU F 100 -3.72 46.91 11.18
C LEU F 100 -3.64 47.01 12.70
N GLN F 101 -3.23 45.91 13.36
CA GLN F 101 -3.12 45.85 14.79
C GLN F 101 -1.66 45.79 15.21
N MET F 102 -1.40 46.01 16.51
CA MET F 102 -0.07 46.11 17.06
C MET F 102 0.68 44.80 17.10
N ASP F 103 -0.03 43.67 17.06
CA ASP F 103 0.49 42.33 17.08
C ASP F 103 0.73 41.81 15.67
N ASP F 104 0.48 42.66 14.65
CA ASP F 104 0.73 42.33 13.27
C ASP F 104 2.11 42.80 12.82
N GLU F 105 2.99 43.31 13.71
CA GLU F 105 4.37 43.59 13.35
C GLU F 105 5.11 42.29 13.07
N ALA F 106 5.84 42.19 11.95
CA ALA F 106 6.33 40.92 11.46
C ALA F 106 6.90 41.05 10.06
N ASP F 107 7.78 40.09 9.70
CA ASP F 107 8.18 39.87 8.33
C ASP F 107 7.16 38.95 7.67
N TYR F 108 6.70 39.31 6.45
CA TYR F 108 5.69 38.55 5.74
C TYR F 108 6.29 37.93 4.50
N PHE F 109 6.04 36.63 4.27
CA PHE F 109 6.64 35.89 3.18
C PHE F 109 5.57 35.28 2.32
N CYS F 110 5.74 35.36 0.98
CA CYS F 110 4.92 34.61 0.05
C CYS F 110 5.69 33.41 -0.45
N GLN F 111 5.05 32.24 -0.63
CA GLN F 111 5.69 31.04 -1.13
C GLN F 111 4.83 30.48 -2.23
N SER F 112 5.44 29.74 -3.15
CA SER F 112 4.61 29.39 -4.31
C SER F 112 4.53 27.96 -4.71
N TYR F 113 4.53 27.79 -6.02
CA TYR F 113 4.25 26.49 -6.60
C TYR F 113 5.43 25.93 -7.34
N ASP F 114 5.27 25.81 -8.66
CA ASP F 114 6.30 25.14 -9.46
C ASP F 114 6.48 23.80 -8.75
N SER F 115 5.44 23.34 -8.04
CA SER F 115 5.55 22.11 -7.22
C SER F 115 5.99 20.96 -8.11
N ASP F 116 5.69 21.06 -9.41
CA ASP F 116 6.26 20.07 -10.36
C ASP F 116 6.76 20.83 -11.59
N PHE F 117 6.51 22.15 -11.67
CA PHE F 117 7.14 22.89 -12.79
C PHE F 117 8.63 22.74 -12.58
N ASP F 118 9.07 22.72 -11.32
CA ASP F 118 10.50 22.48 -10.99
C ASP F 118 10.73 22.46 -9.47
N VAL F 119 10.78 23.63 -8.81
CA VAL F 119 11.19 23.72 -7.38
C VAL F 119 10.22 24.57 -6.55
N TYR F 120 10.25 24.42 -5.22
CA TYR F 120 9.44 25.29 -4.34
C TYR F 120 10.27 26.51 -3.97
N ILE F 121 9.69 27.70 -3.79
CA ILE F 121 10.38 28.94 -3.49
C ILE F 121 9.55 29.96 -2.72
N PHE F 122 10.19 30.58 -1.71
CA PHE F 122 9.72 31.75 -1.01
C PHE F 122 10.18 33.03 -1.71
N GLY F 123 9.35 34.09 -1.68
CA GLY F 123 9.81 35.46 -1.93
C GLY F 123 10.76 35.93 -0.85
N GLY F 124 11.39 37.11 -1.04
CA GLY F 124 12.48 37.54 -0.17
C GLY F 124 12.06 38.09 1.16
N GLY F 125 10.74 38.19 1.41
CA GLY F 125 10.18 38.72 2.63
C GLY F 125 9.94 40.20 2.57
N THR F 126 8.89 40.65 3.27
CA THR F 126 8.64 42.08 3.43
C THR F 126 8.47 42.42 4.89
N LYS F 127 9.23 43.43 5.39
CA LYS F 127 9.11 43.84 6.77
C LYS F 127 7.98 44.83 6.97
N LEU F 128 7.01 44.51 7.84
CA LEU F 128 5.94 45.41 8.19
C LEU F 128 6.18 45.98 9.56
N THR F 129 6.40 47.30 9.62
CA THR F 129 6.61 48.00 10.92
C THR F 129 5.35 48.77 11.30
N VAL F 130 5.06 48.86 12.61
CA VAL F 130 3.85 49.57 13.11
C VAL F 130 4.18 51.06 13.33
N LEU F 131 3.30 51.79 14.03
CA LEU F 131 3.50 53.25 14.23
C LEU F 131 3.47 53.58 15.74
N GLY F 132 4.13 54.68 16.15
CA GLY F 132 4.18 55.09 17.57
C GLY F 132 4.54 56.57 17.66
N GLN F 133 4.91 57.07 18.85
CA GLN F 133 5.37 58.48 18.95
C GLN F 133 6.82 58.51 18.48
N ARG F 134 7.04 59.02 17.26
CA ARG F 134 8.41 58.96 16.68
C ARG F 134 8.92 60.34 16.25
N THR F 135 8.05 61.34 16.20
CA THR F 135 8.48 62.65 15.65
C THR F 135 9.60 63.27 16.49
N VAL F 136 9.49 63.24 17.81
CA VAL F 136 10.49 63.92 18.67
C VAL F 136 11.38 62.88 19.37
N ALA F 137 11.21 61.59 19.06
CA ALA F 137 11.97 60.55 19.79
C ALA F 137 13.40 60.48 19.24
N ALA F 138 14.23 61.50 19.52
CA ALA F 138 15.59 61.53 19.07
C ALA F 138 16.56 60.64 19.87
N PRO F 139 17.62 60.09 19.27
CA PRO F 139 18.63 59.37 20.03
C PRO F 139 19.56 60.30 20.79
N SER F 140 19.92 59.93 22.04
CA SER F 140 21.15 60.43 22.64
C SER F 140 22.33 59.70 22.02
N VAL F 141 23.33 60.44 21.50
CA VAL F 141 24.40 59.87 20.68
C VAL F 141 25.70 59.96 21.43
N PHE F 142 26.46 58.86 21.48
CA PHE F 142 27.72 58.76 22.18
C PHE F 142 28.74 58.10 21.28
N ILE F 143 30.02 58.51 21.37
CA ILE F 143 31.11 57.87 20.64
C ILE F 143 32.14 57.39 21.63
N PHE F 144 32.67 56.17 21.43
CA PHE F 144 33.68 55.57 22.29
C PHE F 144 34.92 55.32 21.44
N PRO F 145 36.09 55.90 21.73
CA PRO F 145 37.34 55.49 21.10
C PRO F 145 37.74 54.06 21.44
N PRO F 146 38.63 53.42 20.70
CA PRO F 146 39.17 52.12 21.08
C PRO F 146 40.06 52.26 22.30
N SER F 147 40.06 51.24 23.15
CA SER F 147 40.87 51.21 24.35
C SER F 147 42.33 50.89 24.08
N ASP F 148 43.24 51.35 24.94
CA ASP F 148 44.67 51.11 24.85
C ASP F 148 44.99 49.63 24.91
N GLU F 149 44.27 48.87 25.76
CA GLU F 149 44.36 47.43 25.81
C GLU F 149 43.98 46.72 24.53
N GLN F 150 42.94 47.17 23.79
CA GLN F 150 42.66 46.65 22.47
C GLN F 150 43.73 47.01 21.44
N LEU F 151 44.23 48.27 21.47
CA LEU F 151 45.29 48.70 20.57
C LEU F 151 46.57 47.89 20.69
N LYS F 152 46.91 47.38 21.90
CA LYS F 152 48.00 46.44 22.08
C LYS F 152 47.85 45.13 21.31
N SER F 153 46.62 44.65 21.03
CA SER F 153 46.41 43.39 20.34
C SER F 153 46.30 43.55 18.83
N GLY F 154 46.48 44.78 18.31
CA GLY F 154 46.66 45.02 16.87
C GLY F 154 45.43 45.47 16.13
N THR F 155 44.30 45.66 16.84
CA THR F 155 43.02 46.00 16.23
C THR F 155 42.46 47.21 16.94
N ALA F 156 41.67 48.05 16.23
CA ALA F 156 40.98 49.16 16.84
C ALA F 156 39.50 49.13 16.52
N SER F 157 38.63 49.08 17.55
CA SER F 157 37.18 49.15 17.38
C SER F 157 36.66 50.45 17.91
N VAL F 158 35.98 51.23 17.06
CA VAL F 158 35.39 52.50 17.43
C VAL F 158 33.90 52.30 17.51
N VAL F 159 33.25 52.65 18.64
CA VAL F 159 31.84 52.33 18.85
C VAL F 159 31.04 53.60 18.90
N CYS F 160 29.91 53.63 18.18
CA CYS F 160 28.93 54.69 18.24
C CYS F 160 27.64 54.12 18.80
N LEU F 161 27.05 54.81 19.79
CA LEU F 161 25.83 54.38 20.45
C LEU F 161 24.76 55.41 20.19
N LEU F 162 23.57 54.95 19.76
CA LEU F 162 22.37 55.74 19.66
C LEU F 162 21.42 55.18 20.69
N ASN F 163 21.00 55.98 21.68
CA ASN F 163 20.27 55.49 22.83
C ASN F 163 18.84 56.02 22.86
N ASN F 164 17.87 55.09 22.97
CA ASN F 164 16.46 55.32 23.22
C ASN F 164 15.73 56.19 22.19
N PHE F 165 15.67 55.74 20.93
CA PHE F 165 15.04 56.49 19.85
C PHE F 165 13.88 55.76 19.21
N TYR F 166 12.97 56.51 18.57
CA TYR F 166 11.90 55.91 17.82
C TYR F 166 11.64 56.84 16.63
N PRO F 167 11.36 56.45 15.39
CA PRO F 167 11.25 55.08 14.89
C PRO F 167 12.60 54.44 14.72
N ARG F 168 12.62 53.21 14.20
CA ARG F 168 13.81 52.40 14.06
C ARG F 168 14.78 52.96 13.03
N GLU F 169 14.24 53.57 11.96
CA GLU F 169 14.98 54.11 10.85
C GLU F 169 15.92 55.23 11.26
N ALA F 170 17.23 54.97 11.16
CA ALA F 170 18.27 55.89 11.48
C ALA F 170 19.34 55.71 10.44
N LYS F 171 20.19 56.72 10.21
CA LYS F 171 21.33 56.55 9.34
C LYS F 171 22.58 56.92 10.12
N VAL F 172 23.49 55.96 10.31
CA VAL F 172 24.69 56.14 11.10
C VAL F 172 25.85 56.05 10.13
N GLN F 173 26.64 57.13 10.02
CA GLN F 173 27.75 57.19 9.09
C GLN F 173 29.04 57.45 9.81
N TRP F 174 30.07 56.68 9.47
CA TRP F 174 31.39 56.84 10.04
C TRP F 174 32.26 57.64 9.10
N LYS F 175 32.95 58.67 9.61
CA LYS F 175 33.95 59.40 8.85
C LYS F 175 35.28 59.35 9.56
N VAL F 176 36.36 59.06 8.81
CA VAL F 176 37.72 59.05 9.32
C VAL F 176 38.52 59.98 8.43
N ASP F 177 39.02 61.11 9.00
CA ASP F 177 39.65 62.21 8.27
C ASP F 177 38.89 62.61 6.99
N ASN F 178 37.58 62.85 7.15
CA ASN F 178 36.59 63.24 6.14
C ASN F 178 36.10 62.09 5.24
N ALA F 179 36.85 60.99 5.12
CA ALA F 179 36.46 59.86 4.29
C ALA F 179 35.33 59.04 4.90
N LEU F 180 34.21 58.91 4.17
CA LEU F 180 33.13 58.00 4.54
C LEU F 180 33.58 56.55 4.55
N GLN F 181 33.34 55.85 5.67
CA GLN F 181 33.72 54.47 5.81
C GLN F 181 32.55 53.58 5.43
N SER F 182 32.81 52.54 4.63
CA SER F 182 31.78 51.63 4.16
C SER F 182 32.38 50.27 4.07
N GLY F 183 31.64 49.23 4.50
CA GLY F 183 32.08 47.83 4.46
C GLY F 183 33.00 47.40 5.58
N ASN F 184 33.35 48.31 6.51
CA ASN F 184 34.23 48.04 7.64
C ASN F 184 33.55 48.34 8.96
N SER F 185 32.21 48.46 8.95
CA SER F 185 31.43 48.64 10.16
C SER F 185 30.27 47.68 10.19
N GLN F 186 29.72 47.45 11.39
CA GLN F 186 28.56 46.60 11.58
C GLN F 186 27.68 47.19 12.66
N GLU F 187 26.35 47.04 12.50
CA GLU F 187 25.37 47.56 13.43
C GLU F 187 24.64 46.43 14.15
N SER F 188 24.20 46.73 15.38
CA SER F 188 23.29 45.87 16.13
C SER F 188 22.22 46.76 16.72
N VAL F 189 20.95 46.34 16.64
CA VAL F 189 19.83 47.13 17.12
C VAL F 189 19.10 46.29 18.14
N THR F 190 18.78 46.84 19.32
CA THR F 190 17.92 46.18 20.29
C THR F 190 16.52 46.00 19.76
N GLU F 191 15.80 44.94 20.19
CA GLU F 191 14.36 44.92 20.03
C GLU F 191 13.69 46.01 20.88
N GLN F 192 12.46 46.40 20.55
CA GLN F 192 11.80 47.54 21.13
C GLN F 192 11.60 47.42 22.64
N ASP F 193 11.90 48.49 23.42
CA ASP F 193 11.76 48.44 24.86
C ASP F 193 10.30 48.27 25.28
N SER F 194 10.06 47.51 26.36
CA SER F 194 8.71 47.18 26.78
C SER F 194 8.13 48.25 27.67
N LYS F 195 8.89 49.31 28.01
CA LYS F 195 8.36 50.39 28.81
C LYS F 195 8.24 51.69 28.03
N ASP F 196 9.28 52.15 27.29
CA ASP F 196 9.18 53.43 26.61
C ASP F 196 8.92 53.29 25.11
N SER F 197 8.97 52.05 24.60
CA SER F 197 8.73 51.68 23.21
C SER F 197 9.77 52.23 22.25
N THR F 198 11.03 52.40 22.70
CA THR F 198 12.15 52.88 21.91
C THR F 198 13.07 51.79 21.43
N TYR F 199 13.99 52.13 20.52
CA TYR F 199 15.08 51.27 20.09
C TYR F 199 16.41 51.88 20.48
N SER F 200 17.45 51.05 20.66
CA SER F 200 18.82 51.52 20.82
C SER F 200 19.71 50.78 19.84
N LEU F 201 20.78 51.43 19.37
CA LEU F 201 21.57 50.93 18.27
C LEU F 201 23.04 51.13 18.61
N SER F 202 23.86 50.09 18.37
CA SER F 202 25.30 50.20 18.44
C SER F 202 25.86 49.99 17.07
N SER F 203 26.80 50.85 16.66
CA SER F 203 27.52 50.68 15.41
C SER F 203 28.98 50.61 15.75
N THR F 204 29.68 49.59 15.23
CA THR F 204 31.10 49.38 15.52
C THR F 204 31.86 49.49 14.22
N LEU F 205 32.83 50.42 14.16
CA LEU F 205 33.79 50.54 13.09
C LEU F 205 35.06 49.83 13.48
N THR F 206 35.56 48.89 12.66
CA THR F 206 36.74 48.11 13.01
C THR F 206 37.84 48.37 12.01
N LEU F 207 39.02 48.75 12.51
CA LEU F 207 40.20 49.00 11.70
C LEU F 207 41.34 48.21 12.30
N SER F 208 42.44 48.01 11.52
CA SER F 208 43.70 47.59 12.10
C SER F 208 44.31 48.68 12.96
N LYS F 209 45.20 48.35 13.92
CA LYS F 209 45.93 49.36 14.66
C LYS F 209 46.76 50.26 13.75
N ALA F 210 47.42 49.67 12.75
CA ALA F 210 48.22 50.39 11.79
C ALA F 210 47.40 51.40 10.98
N ASP F 211 46.19 50.99 10.51
CA ASP F 211 45.24 51.91 9.91
C ASP F 211 44.75 52.99 10.85
N TYR F 212 44.42 52.63 12.10
CA TYR F 212 43.95 53.56 13.11
C TYR F 212 44.96 54.67 13.41
N GLU F 213 46.26 54.32 13.51
CA GLU F 213 47.31 55.27 13.83
C GLU F 213 47.71 56.19 12.68
N LYS F 214 47.32 55.89 11.42
CA LYS F 214 47.49 56.82 10.32
C LYS F 214 46.68 58.10 10.44
N HIS F 215 45.45 58.01 10.95
CA HIS F 215 44.46 59.07 10.86
C HIS F 215 44.26 59.81 12.17
N LYS F 216 43.66 61.02 12.12
CA LYS F 216 43.42 61.86 13.27
C LYS F 216 41.98 61.86 13.72
N VAL F 217 41.05 62.32 12.86
CA VAL F 217 39.69 62.65 13.26
C VAL F 217 38.78 61.48 13.02
N TYR F 218 38.10 61.01 14.09
CA TYR F 218 37.16 59.92 13.99
C TYR F 218 35.81 60.45 14.36
N ALA F 219 34.80 60.25 13.49
CA ALA F 219 33.50 60.84 13.68
C ALA F 219 32.39 59.88 13.33
N CYS F 220 31.32 59.92 14.14
CA CYS F 220 30.08 59.23 13.92
C CYS F 220 29.02 60.30 13.67
N GLU F 221 28.34 60.24 12.53
CA GLU F 221 27.29 61.16 12.14
C GLU F 221 25.97 60.44 12.16
N VAL F 222 24.97 60.99 12.88
CA VAL F 222 23.68 60.35 13.07
C VAL F 222 22.58 61.20 12.50
N THR F 223 21.86 60.66 11.50
CA THR F 223 20.66 61.27 10.95
C THR F 223 19.47 60.48 11.43
N HIS F 224 18.45 61.15 12.01
CA HIS F 224 17.26 60.49 12.51
C HIS F 224 16.14 61.49 12.43
N GLN F 225 14.87 61.04 12.36
CA GLN F 225 13.71 61.89 12.23
C GLN F 225 13.53 62.87 13.37
N GLY F 226 13.89 62.48 14.61
CA GLY F 226 13.77 63.33 15.79
C GLY F 226 14.85 64.36 15.96
N LEU F 227 15.88 64.35 15.10
CA LEU F 227 16.94 65.33 15.13
C LEU F 227 16.68 66.38 14.08
N SER F 228 16.75 67.67 14.46
CA SER F 228 16.50 68.79 13.55
C SER F 228 17.51 68.91 12.43
N SER F 229 18.74 68.48 12.68
CA SER F 229 19.78 68.32 11.68
C SER F 229 20.69 67.22 12.18
N PRO F 230 21.51 66.56 11.36
CA PRO F 230 22.39 65.48 11.79
C PRO F 230 23.29 65.77 12.98
N VAL F 231 23.45 64.82 13.90
CA VAL F 231 24.30 64.99 15.07
C VAL F 231 25.60 64.28 14.85
N THR F 232 26.72 65.01 14.96
CA THR F 232 28.05 64.45 14.86
C THR F 232 28.67 64.33 16.23
N LYS F 233 29.22 63.15 16.55
CA LYS F 233 30.08 62.95 17.71
C LYS F 233 31.43 62.49 17.23
N SER F 234 32.50 63.09 17.74
CA SER F 234 33.82 62.87 17.19
C SER F 234 34.88 62.95 18.26
N PHE F 235 36.10 62.48 17.92
CA PHE F 235 37.26 62.67 18.73
C PHE F 235 38.48 62.73 17.82
N ASN F 236 39.58 63.31 18.32
CA ASN F 236 40.87 63.25 17.67
C ASN F 236 41.68 62.18 18.36
N ARG F 237 42.32 61.27 17.60
CA ARG F 237 43.19 60.25 18.15
C ARG F 237 44.38 60.83 18.89
N GLY F 238 44.58 60.40 20.15
CA GLY F 238 45.72 60.82 20.97
C GLY F 238 45.46 62.00 21.87
N GLU F 239 44.24 62.57 21.81
CA GLU F 239 43.80 63.59 22.76
C GLU F 239 43.10 62.98 23.96
N CYS F 240 42.70 63.83 24.93
CA CYS F 240 42.05 63.42 26.16
C CYS F 240 41.04 64.54 26.54
#